data_6PX9
#
_entry.id   6PX9
#
_cell.length_a   101.311
_cell.length_b   101.311
_cell.length_c   175.547
_cell.angle_alpha   90.000
_cell.angle_beta   90.000
_cell.angle_gamma   120.000
#
_symmetry.space_group_name_H-M   'P 31'
#
loop_
_entity.id
_entity.type
_entity.pdbx_description
1 polymer Caspase-8
2 non-polymer N-{(3R)-1-[4-(morpholin-4-yl)benzene-1-carbonyl]piperidin-3-yl}-N-phenylacetamide
3 water water
#
_entity_poly.entity_id   1
_entity_poly.type   'polypeptide(L)'
_entity_poly.pdbx_seq_one_letter_code
;SESQTLDKVYQMKSKPRGYCLIINNHNFAKAREKVPKLHSIRDRNGTHLDAGALTTTFEELHFEIKPHDDCTVEQIYEIL
KIYQLMDHSNMDCFICCILSHGDKGIIYGTDGQEAPIYELTSQFTGLKCPSLAGKPKVFFIQACQGDNYQKGIPVETASE
EQPYLEMALSSPQTRYIPDEADFLLGMATVNNSVSYRNPAEGTWYIQSLCQSLRERSPRGDDILTILTEVNYEVSNKDDK
KNMGKQMPQPTFTLRKKLVFPSDAAALEHHHHHH
;
_entity_poly.pdbx_strand_id   A,B,C,D,E,F
#
loop_
_chem_comp.id
_chem_comp.type
_chem_comp.name
_chem_comp.formula
63R non-polymer N-{(3R)-1-[4-(morpholin-4-yl)benzene-1-carbonyl]piperidin-3-yl}-N-phenylacetamide 'C24 H29 N3 O3'
#
# COMPACT_ATOMS: atom_id res chain seq x y z
N ASP A 7 17.54 -7.44 46.59
CA ASP A 7 17.84 -6.24 47.30
C ASP A 7 19.08 -5.55 46.79
N LYS A 8 18.87 -4.70 45.82
CA LYS A 8 19.89 -3.86 45.29
C LYS A 8 19.28 -2.48 45.34
N VAL A 9 20.09 -1.52 45.64
CA VAL A 9 19.54 -0.19 45.70
C VAL A 9 20.33 0.74 44.81
N TYR A 10 19.64 1.69 44.23
CA TYR A 10 20.22 2.69 43.33
C TYR A 10 21.18 3.59 44.12
N GLN A 11 22.07 4.29 43.43
CA GLN A 11 23.04 5.14 44.11
C GLN A 11 22.47 6.51 44.50
N MET A 12 21.62 6.48 45.53
CA MET A 12 20.96 7.67 46.07
C MET A 12 21.91 8.71 46.69
N LYS A 13 22.98 8.23 47.31
CA LYS A 13 23.85 9.10 48.10
C LYS A 13 24.90 9.98 47.45
N SER A 14 24.61 11.28 47.51
CA SER A 14 25.40 12.33 46.93
C SER A 14 24.93 13.71 47.44
N LYS A 15 25.68 14.76 47.14
CA LYS A 15 25.27 16.12 47.48
C LYS A 15 25.61 17.09 46.37
N PRO A 16 24.63 17.74 45.78
CA PRO A 16 23.23 17.29 45.76
C PRO A 16 23.05 16.00 44.98
N ARG A 17 21.90 15.35 45.11
CA ARG A 17 21.70 14.09 44.40
C ARG A 17 21.31 14.31 42.94
N GLY A 18 20.63 15.41 42.64
CA GLY A 18 20.29 15.71 41.26
C GLY A 18 19.50 16.99 41.17
N TYR A 19 19.12 17.32 39.94
CA TYR A 19 18.22 18.43 39.68
C TYR A 19 16.78 17.92 39.70
N CYS A 20 15.91 18.65 40.40
CA CYS A 20 14.49 18.31 40.42
C CYS A 20 13.77 19.35 39.58
N LEU A 21 13.60 19.04 38.30
CA LEU A 21 12.83 19.89 37.41
C LEU A 21 11.38 19.94 37.86
N ILE A 22 10.86 21.15 38.04
CA ILE A 22 9.45 21.36 38.34
C ILE A 22 8.92 22.30 37.27
N ILE A 23 8.04 21.79 36.41
CA ILE A 23 7.37 22.59 35.40
C ILE A 23 5.92 22.76 35.85
N ASN A 24 5.44 24.00 35.81
CA ASN A 24 4.32 24.43 36.62
C ASN A 24 3.44 25.39 35.81
N ASN A 25 2.79 24.86 34.77
CA ASN A 25 1.94 25.68 33.92
C ASN A 25 0.67 26.09 34.65
N HIS A 26 0.18 27.30 34.35
CA HIS A 26 -1.03 27.80 34.99
C HIS A 26 -1.89 28.61 34.04
N ASN A 27 -1.34 29.66 33.44
CA ASN A 27 -2.11 30.58 32.60
C ASN A 27 -2.21 30.01 31.19
N PHE A 28 -3.31 29.32 30.91
CA PHE A 28 -3.60 28.83 29.57
C PHE A 28 -4.41 29.86 28.78
N ALA A 29 -3.97 31.12 28.86
CA ALA A 29 -4.65 32.20 28.14
C ALA A 29 -4.48 32.02 26.64
N LYS A 30 -3.24 32.03 26.15
CA LYS A 30 -2.98 31.82 24.73
C LYS A 30 -3.62 30.53 24.24
N ALA A 31 -3.71 29.52 25.10
CA ALA A 31 -4.45 28.30 24.78
C ALA A 31 -5.90 28.62 24.44
N ARG A 32 -6.59 29.31 25.35
CA ARG A 32 -7.97 29.72 25.13
C ARG A 32 -8.14 30.53 23.86
N GLU A 33 -7.08 31.15 23.35
CA GLU A 33 -7.16 31.98 22.17
C GLU A 33 -6.77 31.23 20.91
N LYS A 34 -5.58 30.63 20.90
CA LYS A 34 -5.02 30.09 19.67
C LYS A 34 -5.61 28.74 19.27
N VAL A 35 -6.32 28.06 20.16
CA VAL A 35 -6.78 26.69 19.91
C VAL A 35 -8.29 26.66 20.01
N PRO A 36 -9.01 26.23 18.96
CA PRO A 36 -10.47 26.17 19.03
C PRO A 36 -11.00 25.18 20.06
N LYS A 37 -10.64 23.89 19.93
CA LYS A 37 -11.25 22.86 20.78
C LYS A 37 -11.08 23.17 22.26
N LEU A 38 -10.02 23.88 22.64
CA LEU A 38 -9.82 24.39 23.99
C LEU A 38 -10.32 25.82 24.12
N HIS A 39 -11.51 26.10 23.57
CA HIS A 39 -12.08 27.44 23.61
C HIS A 39 -12.32 27.91 25.04
N SER A 40 -12.57 26.97 25.96
CA SER A 40 -12.92 27.29 27.34
C SER A 40 -12.17 26.34 28.26
N ILE A 41 -10.86 26.56 28.37
CA ILE A 41 -9.99 25.76 29.22
C ILE A 41 -9.68 26.57 30.47
N ARG A 42 -10.07 26.05 31.63
CA ARG A 42 -9.89 26.77 32.88
C ARG A 42 -8.40 27.01 33.15
N ASP A 43 -8.12 28.05 33.93
CA ASP A 43 -6.74 28.36 34.29
C ASP A 43 -6.37 27.56 35.53
N ARG A 44 -5.30 26.77 35.41
CA ARG A 44 -4.95 25.78 36.42
C ARG A 44 -4.46 26.42 37.72
N ASN A 45 -5.19 27.40 38.24
CA ASN A 45 -4.83 28.00 39.51
C ASN A 45 -4.90 26.97 40.64
N GLY A 46 -4.18 27.25 41.72
CA GLY A 46 -3.98 26.30 42.78
C GLY A 46 -2.80 25.37 42.57
N THR A 47 -2.11 25.48 41.43
CA THR A 47 -0.98 24.62 41.15
C THR A 47 0.20 24.91 42.08
N HIS A 48 0.30 26.14 42.60
CA HIS A 48 1.42 26.50 43.45
C HIS A 48 1.49 25.65 44.70
N LEU A 49 0.34 25.19 45.21
CA LEU A 49 0.32 24.26 46.32
C LEU A 49 1.01 22.95 45.95
N ASP A 50 0.72 22.42 44.75
CA ASP A 50 1.47 21.30 44.21
C ASP A 50 2.94 21.68 44.02
N ALA A 51 3.18 22.81 43.36
CA ALA A 51 4.55 23.25 43.07
C ALA A 51 5.36 23.45 44.35
N GLY A 52 4.78 24.20 45.30
CA GLY A 52 5.49 24.44 46.55
C GLY A 52 5.85 23.17 47.28
N ALA A 53 4.88 22.26 47.41
CA ALA A 53 5.16 20.97 48.02
C ALA A 53 6.27 20.23 47.27
N LEU A 54 6.24 20.28 45.94
CA LEU A 54 7.27 19.59 45.17
C LEU A 54 8.65 20.20 45.40
N THR A 55 8.72 21.52 45.60
CA THR A 55 9.97 22.13 46.04
C THR A 55 10.33 21.65 47.44
N THR A 56 9.36 21.70 48.35
CA THR A 56 9.57 21.31 49.74
C THR A 56 10.14 19.91 49.87
N THR A 57 9.37 18.90 49.46
CA THR A 57 9.78 17.51 49.70
C THR A 57 11.12 17.19 49.05
N PHE A 58 11.39 17.73 47.86
CA PHE A 58 12.53 17.26 47.08
C PHE A 58 13.81 18.04 47.37
N GLU A 59 13.71 19.26 47.89
CA GLU A 59 14.88 19.92 48.47
C GLU A 59 15.33 19.18 49.73
N GLU A 60 14.38 18.74 50.56
CA GLU A 60 14.71 17.97 51.74
C GLU A 60 15.48 16.71 51.38
N LEU A 61 15.13 16.08 50.26
CA LEU A 61 15.79 14.87 49.80
C LEU A 61 17.06 15.15 48.99
N HIS A 62 17.54 16.39 49.03
CA HIS A 62 18.85 16.79 48.51
C HIS A 62 18.90 16.84 46.99
N PHE A 63 17.83 17.34 46.38
CA PHE A 63 17.82 17.73 44.99
C PHE A 63 17.74 19.25 44.91
N GLU A 64 18.45 19.85 43.96
CA GLU A 64 18.37 21.29 43.76
C GLU A 64 17.25 21.57 42.75
N ILE A 65 16.14 22.09 43.26
CA ILE A 65 14.97 22.35 42.42
C ILE A 65 15.30 23.45 41.43
N LYS A 66 14.92 23.25 40.18
CA LYS A 66 15.07 24.26 39.13
C LYS A 66 13.71 24.42 38.46
N PRO A 67 12.87 25.33 38.95
CA PRO A 67 11.47 25.35 38.53
C PRO A 67 11.17 26.39 37.45
N HIS A 68 10.17 26.08 36.65
CA HIS A 68 9.74 26.94 35.58
C HIS A 68 8.25 27.06 35.61
N ASP A 69 7.71 28.25 35.44
CA ASP A 69 6.27 28.44 35.46
C ASP A 69 5.78 28.90 34.13
N ASP A 70 4.56 28.49 33.79
CA ASP A 70 3.93 28.87 32.54
C ASP A 70 4.71 28.61 31.28
N CYS A 71 4.86 27.35 30.93
CA CYS A 71 5.60 27.00 29.75
C CYS A 71 4.90 26.53 28.49
N THR A 72 5.21 27.18 27.38
CA THR A 72 4.84 26.71 26.06
C THR A 72 5.37 25.29 25.83
N VAL A 73 4.89 24.65 24.77
CA VAL A 73 5.49 23.38 24.38
C VAL A 73 6.93 23.62 23.90
N GLU A 74 7.13 24.66 23.08
CA GLU A 74 8.49 25.05 22.72
C GLU A 74 9.29 25.43 23.95
N GLN A 75 8.68 26.21 24.84
CA GLN A 75 9.33 26.54 26.10
C GLN A 75 9.66 25.27 26.89
N ILE A 76 8.70 24.35 26.97
CA ILE A 76 8.93 23.08 27.68
C ILE A 76 10.06 22.32 27.00
N TYR A 77 10.10 22.31 25.67
CA TYR A 77 11.02 21.44 24.96
C TYR A 77 12.46 21.93 25.08
N GLU A 78 12.69 23.24 24.97
CA GLU A 78 14.05 23.74 25.08
C GLU A 78 14.59 23.58 26.49
N ILE A 79 13.71 23.65 27.49
CA ILE A 79 14.14 23.51 28.89
C ILE A 79 14.85 22.18 29.09
N LEU A 80 14.34 21.10 28.47
CA LEU A 80 14.88 19.77 28.75
C LEU A 80 16.20 19.52 28.01
N LYS A 81 16.39 20.15 26.84
CA LYS A 81 17.68 20.04 26.17
C LYS A 81 18.81 20.55 27.06
N ILE A 82 18.54 21.62 27.82
CA ILE A 82 19.49 22.12 28.79
C ILE A 82 19.96 20.99 29.70
N TYR A 83 19.05 20.10 30.09
CA TYR A 83 19.37 19.04 31.02
C TYR A 83 19.73 17.73 30.33
N GLN A 84 19.28 17.54 29.08
CA GLN A 84 19.78 16.41 28.29
C GLN A 84 21.26 16.61 27.96
N LEU A 85 21.63 17.82 27.57
CA LEU A 85 23.02 18.08 27.18
C LEU A 85 23.92 18.35 28.38
N MET A 86 23.35 18.61 29.55
CA MET A 86 24.14 18.82 30.75
C MET A 86 24.97 17.57 31.07
N ASP A 87 26.11 17.80 31.72
CA ASP A 87 26.96 16.70 32.19
C ASP A 87 26.47 16.28 33.56
N HIS A 88 25.74 15.17 33.61
CA HIS A 88 25.20 14.64 34.84
C HIS A 88 26.19 13.79 35.62
N SER A 89 27.45 13.73 35.18
CA SER A 89 28.40 12.77 35.75
C SER A 89 28.54 12.93 37.26
N ASN A 90 28.48 14.17 37.75
CA ASN A 90 28.56 14.41 39.19
C ASN A 90 27.27 14.10 39.92
N MET A 91 26.19 13.78 39.20
CA MET A 91 24.89 13.57 39.82
C MET A 91 24.66 12.08 40.09
N ASP A 92 23.54 11.80 40.74
CA ASP A 92 23.15 10.44 41.09
C ASP A 92 21.78 10.06 40.57
N CYS A 93 20.96 11.02 40.15
CA CYS A 93 19.58 10.78 39.77
C CYS A 93 19.07 12.00 39.02
N PHE A 94 17.85 11.90 38.50
CA PHE A 94 17.24 13.01 37.77
C PHE A 94 15.73 12.90 37.87
N ILE A 95 15.10 13.98 38.29
CA ILE A 95 13.66 14.03 38.52
C ILE A 95 13.07 15.16 37.71
N CYS A 96 11.88 14.94 37.16
CA CYS A 96 11.18 15.96 36.38
C CYS A 96 9.70 15.88 36.69
N CYS A 97 9.14 16.96 37.22
CA CYS A 97 7.72 17.06 37.53
C CYS A 97 7.07 18.02 36.56
N ILE A 98 5.91 17.64 36.04
CA ILE A 98 5.15 18.45 35.09
C ILE A 98 3.74 18.61 35.63
N LEU A 99 3.30 19.85 35.82
CA LEU A 99 2.00 20.18 36.40
C LEU A 99 1.26 21.04 35.38
N SER A 100 0.46 20.40 34.54
CA SER A 100 -0.25 21.11 33.48
C SER A 100 -1.55 20.39 33.19
N HIS A 101 -2.30 20.94 32.23
CA HIS A 101 -3.47 20.25 31.72
C HIS A 101 -3.03 19.02 30.95
N GLY A 102 -3.76 17.91 31.14
CA GLY A 102 -3.41 16.65 30.56
C GLY A 102 -4.46 16.15 29.58
N ASP A 103 -4.13 15.02 28.98
CA ASP A 103 -4.92 14.33 27.99
C ASP A 103 -4.45 12.86 27.93
N LYS A 104 -4.92 12.15 26.93
CA LYS A 104 -4.55 10.77 26.79
C LYS A 104 -3.21 10.77 26.12
N GLY A 105 -2.19 10.56 26.93
CA GLY A 105 -0.84 10.44 26.44
C GLY A 105 -0.08 11.67 26.06
N ILE A 106 -0.70 12.82 26.25
CA ILE A 106 -0.09 14.10 25.96
C ILE A 106 -0.27 15.08 27.07
N ILE A 107 0.49 16.14 26.99
CA ILE A 107 0.47 17.26 27.93
C ILE A 107 0.29 18.54 27.13
N TYR A 108 -0.52 19.46 27.68
CA TYR A 108 -0.81 20.73 27.04
C TYR A 108 0.11 21.81 27.58
N GLY A 109 0.68 22.61 26.68
CA GLY A 109 1.37 23.81 27.08
C GLY A 109 0.41 24.99 27.22
N THR A 110 0.92 26.08 27.77
CA THR A 110 0.08 27.27 27.97
C THR A 110 -0.39 27.87 26.65
N ASP A 111 0.29 27.57 25.55
CA ASP A 111 -0.15 27.97 24.22
C ASP A 111 -1.24 27.06 23.66
N GLY A 112 -1.66 26.06 24.41
CA GLY A 112 -2.68 25.13 23.93
C GLY A 112 -2.16 24.06 22.99
N GLN A 113 -0.85 23.95 22.81
CA GLN A 113 -0.28 22.91 21.99
C GLN A 113 0.22 21.77 22.87
N GLU A 114 0.64 20.68 22.22
CA GLU A 114 0.72 19.38 22.86
C GLU A 114 2.12 18.81 22.82
N ALA A 115 2.52 18.18 23.93
CA ALA A 115 3.75 17.42 24.02
C ALA A 115 3.40 16.00 24.47
N PRO A 116 3.59 14.98 23.63
CA PRO A 116 3.32 13.62 24.08
C PRO A 116 4.25 13.21 25.20
N ILE A 117 3.72 12.39 26.11
CA ILE A 117 4.51 11.94 27.25
C ILE A 117 5.72 11.14 26.79
N TYR A 118 5.63 10.51 25.61
CA TYR A 118 6.78 9.75 25.13
C TYR A 118 7.86 10.66 24.57
N GLU A 119 7.48 11.81 24.00
CA GLU A 119 8.47 12.72 23.44
C GLU A 119 9.30 13.42 24.51
N LEU A 120 8.79 13.50 25.74
CA LEU A 120 9.51 14.14 26.84
C LEU A 120 10.41 13.16 27.57
N THR A 121 9.87 11.98 27.90
CA THR A 121 10.67 10.95 28.55
C THR A 121 11.86 10.54 27.68
N SER A 122 11.62 10.40 26.37
CA SER A 122 12.61 9.86 25.45
C SER A 122 13.81 10.78 25.27
N GLN A 123 13.77 11.95 25.88
CA GLN A 123 14.88 12.85 25.81
C GLN A 123 16.08 12.32 26.54
N PHE A 124 15.84 11.75 27.72
CA PHE A 124 16.90 11.23 28.56
C PHE A 124 17.28 9.77 28.51
N THR A 125 17.76 9.29 27.39
CA THR A 125 18.18 7.91 27.25
C THR A 125 19.64 7.74 27.61
N GLY A 126 20.25 6.67 27.12
CA GLY A 126 21.66 6.44 27.31
C GLY A 126 22.29 6.88 26.02
N LEU A 127 21.60 6.59 24.94
CA LEU A 127 22.01 7.03 23.62
C LEU A 127 21.78 8.52 23.39
N LYS A 128 21.21 9.24 24.37
CA LYS A 128 21.01 10.69 24.22
C LYS A 128 21.57 11.46 25.41
N CYS A 129 21.51 10.87 26.60
CA CYS A 129 22.02 11.50 27.83
C CYS A 129 22.98 10.54 28.52
N PRO A 130 24.16 10.33 27.95
CA PRO A 130 25.03 9.25 28.44
C PRO A 130 25.52 9.44 29.87
N SER A 131 25.83 10.68 30.28
CA SER A 131 26.31 10.89 31.64
C SER A 131 25.28 10.46 32.68
N LEU A 132 24.00 10.48 32.31
CA LEU A 132 22.91 10.04 33.16
C LEU A 132 22.43 8.63 32.79
N ALA A 133 23.37 7.75 32.43
CA ALA A 133 23.06 6.36 32.18
C ALA A 133 23.23 5.57 33.47
N GLY A 134 22.48 4.48 33.60
CA GLY A 134 22.54 3.65 34.78
C GLY A 134 22.00 4.35 36.02
N LYS A 135 21.84 5.67 35.94
CA LYS A 135 21.22 6.46 36.98
C LYS A 135 19.71 6.47 36.79
N PRO A 136 18.95 6.55 37.88
CA PRO A 136 17.48 6.56 37.75
C PRO A 136 16.98 7.87 37.17
N LYS A 137 15.96 7.77 36.33
CA LYS A 137 15.36 8.93 35.67
C LYS A 137 13.86 8.89 35.93
N VAL A 138 13.38 9.83 36.72
CA VAL A 138 12.04 9.81 37.28
C VAL A 138 11.19 10.88 36.60
N PHE A 139 9.91 10.57 36.39
CA PHE A 139 8.95 11.53 35.86
C PHE A 139 7.66 11.45 36.67
N PHE A 140 7.30 12.56 37.31
CA PHE A 140 6.01 12.71 37.96
C PHE A 140 5.16 13.68 37.14
N ILE A 141 3.98 13.24 36.72
CA ILE A 141 3.09 14.08 35.92
C ILE A 141 1.68 14.01 36.51
N GLN A 142 1.00 15.16 36.50
CA GLN A 142 -0.38 15.26 36.98
C GLN A 142 -1.19 16.00 35.94
N ALA A 143 -2.19 15.34 35.38
CA ALA A 143 -2.95 15.83 34.25
C ALA A 143 -4.13 16.69 34.75
N CYS A 144 -5.11 16.92 33.88
CA CYS A 144 -6.34 17.64 34.17
C CYS A 144 -7.24 17.53 32.94
N GLN A 145 -8.47 18.04 33.02
CA GLN A 145 -9.38 18.04 31.88
C GLN A 145 -10.19 19.32 31.81
N THR A 174 1.59 3.49 20.53
CA THR A 174 2.46 4.35 21.32
C THR A 174 2.65 3.84 22.74
N ARG A 175 3.74 4.27 23.37
CA ARG A 175 3.94 4.06 24.79
C ARG A 175 4.30 5.40 25.44
N TYR A 176 4.67 5.39 26.72
CA TYR A 176 4.97 6.61 27.44
C TYR A 176 6.43 6.69 27.88
N ILE A 177 7.23 5.66 27.61
CA ILE A 177 8.57 5.54 28.17
C ILE A 177 9.48 4.87 27.14
N PRO A 178 10.74 5.30 26.99
CA PRO A 178 11.65 4.58 26.10
C PRO A 178 11.89 3.15 26.58
N ASP A 179 12.14 2.26 25.63
CA ASP A 179 12.30 0.83 25.90
C ASP A 179 13.63 0.54 26.58
N GLU A 180 13.95 1.28 27.65
CA GLU A 180 15.26 1.25 28.27
C GLU A 180 15.11 1.18 29.78
N ALA A 181 16.18 0.77 30.45
CA ALA A 181 16.15 0.54 31.89
C ALA A 181 16.19 1.86 32.65
N ASP A 182 16.10 1.76 33.98
CA ASP A 182 16.28 2.89 34.90
C ASP A 182 15.27 4.01 34.67
N PHE A 183 14.00 3.65 34.54
CA PHE A 183 12.96 4.62 34.26
C PHE A 183 11.77 4.43 35.20
N LEU A 184 11.15 5.55 35.57
CA LEU A 184 9.95 5.57 36.38
C LEU A 184 9.04 6.68 35.89
N LEU A 185 7.75 6.38 35.76
CA LEU A 185 6.75 7.36 35.35
C LEU A 185 5.59 7.31 36.34
N GLY A 186 5.56 8.28 37.25
CA GLY A 186 4.39 8.45 38.10
C GLY A 186 3.37 9.35 37.43
N MET A 187 2.54 8.76 36.58
CA MET A 187 1.55 9.51 35.80
C MET A 187 0.17 9.39 36.43
N ALA A 188 -0.54 10.52 36.51
CA ALA A 188 -1.91 10.55 37.00
C ALA A 188 -2.74 11.48 36.12
N THR A 189 -4.05 11.46 36.33
CA THR A 189 -4.99 12.26 35.55
C THR A 189 -6.08 12.79 36.47
N VAL A 190 -6.08 14.11 36.69
CA VAL A 190 -7.10 14.78 37.48
C VAL A 190 -8.22 15.20 36.54
N ASN A 191 -9.37 15.57 37.10
CA ASN A 191 -10.43 16.20 36.32
C ASN A 191 -10.96 17.44 37.02
N TRP A 204 -6.00 14.44 46.51
CA TRP A 204 -5.01 15.11 45.67
C TRP A 204 -3.77 14.24 45.49
N TYR A 205 -3.36 14.04 44.23
CA TYR A 205 -2.30 13.09 43.93
C TYR A 205 -0.93 13.61 44.32
N ILE A 206 -0.55 14.79 43.81
CA ILE A 206 0.76 15.35 44.14
C ILE A 206 0.86 15.63 45.63
N GLN A 207 -0.25 16.04 46.25
CA GLN A 207 -0.26 16.28 47.69
C GLN A 207 0.11 15.02 48.46
N SER A 208 -0.61 13.92 48.21
CA SER A 208 -0.35 12.68 48.93
C SER A 208 1.03 12.12 48.59
N LEU A 209 1.45 12.26 47.33
CA LEU A 209 2.78 11.80 46.94
C LEU A 209 3.85 12.50 47.77
N CYS A 210 3.71 13.81 47.96
CA CYS A 210 4.63 14.55 48.80
C CYS A 210 4.58 14.07 50.25
N GLN A 211 3.37 13.92 50.79
CA GLN A 211 3.21 13.51 52.18
C GLN A 211 3.87 12.16 52.44
N SER A 212 3.69 11.21 51.52
CA SER A 212 4.34 9.91 51.69
C SER A 212 5.84 9.98 51.47
N LEU A 213 6.29 10.92 50.64
CA LEU A 213 7.73 11.12 50.46
C LEU A 213 8.36 11.70 51.73
N ARG A 214 7.81 12.81 52.23
CA ARG A 214 8.28 13.38 53.48
C ARG A 214 8.27 12.34 54.59
N GLU A 215 7.17 11.60 54.70
CA GLU A 215 7.02 10.55 55.69
C GLU A 215 8.04 9.43 55.49
N ARG A 216 7.87 8.66 54.41
CA ARG A 216 8.51 7.36 54.33
C ARG A 216 10.00 7.43 54.01
N SER A 217 10.43 8.50 53.33
CA SER A 217 11.82 8.52 52.83
C SER A 217 12.86 8.43 53.93
N PRO A 218 12.82 9.21 55.01
CA PRO A 218 13.81 9.00 56.10
C PRO A 218 13.68 7.65 56.77
N ARG A 219 12.56 6.96 56.60
CA ARG A 219 12.40 5.60 57.11
C ARG A 219 13.07 4.56 56.23
N GLY A 220 13.44 4.92 55.00
CA GLY A 220 14.10 3.98 54.12
C GLY A 220 13.20 3.17 53.21
N ASP A 221 11.93 3.57 53.07
CA ASP A 221 11.05 2.93 52.10
C ASP A 221 11.38 3.41 50.68
N ASP A 222 11.23 2.51 49.72
CA ASP A 222 11.56 2.81 48.33
C ASP A 222 10.37 3.42 47.61
N ILE A 223 10.64 3.95 46.42
CA ILE A 223 9.66 4.76 45.69
C ILE A 223 8.47 3.91 45.25
N LEU A 224 8.68 2.63 44.96
CA LEU A 224 7.56 1.77 44.61
C LEU A 224 6.64 1.55 45.81
N THR A 225 7.22 1.36 47.00
CA THR A 225 6.43 1.28 48.22
C THR A 225 5.59 2.55 48.39
N ILE A 226 6.20 3.71 48.14
CA ILE A 226 5.50 4.98 48.29
C ILE A 226 4.32 5.06 47.33
N LEU A 227 4.49 4.56 46.10
CA LEU A 227 3.46 4.73 45.09
C LEU A 227 2.23 3.87 45.37
N THR A 228 2.43 2.63 45.83
CA THR A 228 1.29 1.82 46.27
C THR A 228 0.56 2.51 47.39
N GLU A 229 1.29 3.06 48.35
CA GLU A 229 0.68 3.83 49.43
C GLU A 229 -0.06 5.06 48.89
N VAL A 230 0.44 5.65 47.80
CA VAL A 230 -0.24 6.78 47.19
C VAL A 230 -1.46 6.31 46.41
N ASN A 231 -1.37 5.13 45.77
CA ASN A 231 -2.51 4.58 45.05
C ASN A 231 -3.68 4.33 46.00
N TYR A 232 -3.41 3.72 47.16
CA TYR A 232 -4.46 3.53 48.15
C TYR A 232 -4.99 4.87 48.66
N GLU A 233 -4.10 5.82 48.89
CA GLU A 233 -4.47 7.11 49.47
C GLU A 233 -5.36 7.95 48.56
N VAL A 234 -5.87 7.47 47.43
CA VAL A 234 -6.76 8.27 46.58
C VAL A 234 -8.03 7.48 46.24
N SER A 235 -7.92 6.16 46.16
CA SER A 235 -9.07 5.33 45.81
C SER A 235 -10.03 5.25 46.99
N ASN A 236 -11.27 5.68 46.77
CA ASN A 236 -12.30 5.60 47.81
C ASN A 236 -13.61 5.13 47.19
N LYS A 245 -12.49 7.22 40.90
CA LYS A 245 -11.24 6.50 40.66
C LYS A 245 -10.50 7.05 39.44
N GLN A 246 -9.99 8.27 39.56
CA GLN A 246 -9.08 8.85 38.56
C GLN A 246 -7.65 8.47 38.92
N MET A 247 -7.40 7.16 38.84
CA MET A 247 -6.25 6.56 39.48
C MET A 247 -4.95 6.81 38.71
N PRO A 248 -3.84 7.08 39.41
CA PRO A 248 -2.52 7.10 38.77
C PRO A 248 -2.00 5.71 38.45
N GLN A 249 -1.31 5.60 37.31
CA GLN A 249 -0.79 4.32 36.82
C GLN A 249 0.72 4.41 36.70
N PRO A 250 1.46 4.11 37.77
CA PRO A 250 2.93 4.06 37.68
C PRO A 250 3.37 2.88 36.82
N THR A 251 4.19 3.21 35.82
CA THR A 251 4.82 2.28 34.89
C THR A 251 6.33 2.51 35.04
N PHE A 252 7.15 1.46 35.05
CA PHE A 252 8.57 1.66 35.30
C PHE A 252 9.37 0.56 34.62
N THR A 253 10.66 0.84 34.47
CA THR A 253 11.65 -0.09 33.96
C THR A 253 12.90 -0.06 34.82
N LEU A 254 12.77 0.32 36.07
CA LEU A 254 13.89 0.40 36.97
C LEU A 254 14.46 -0.94 37.37
N ARG A 255 15.75 -1.08 37.22
CA ARG A 255 16.46 -2.28 37.62
C ARG A 255 16.56 -2.57 39.09
N LYS A 256 16.81 -1.56 39.89
CA LYS A 256 17.00 -1.75 41.30
C LYS A 256 16.20 -0.77 42.13
N LYS A 257 16.14 -1.01 43.42
CA LYS A 257 15.38 -0.15 44.30
C LYS A 257 15.92 1.25 44.31
N LEU A 258 14.99 2.17 44.41
CA LEU A 258 15.24 3.61 44.38
C LEU A 258 14.69 4.23 45.66
N VAL A 259 15.59 4.76 46.50
CA VAL A 259 15.25 5.40 47.76
C VAL A 259 15.98 6.74 47.87
N PHE A 260 15.34 7.69 48.53
CA PHE A 260 15.86 9.05 48.71
C PHE A 260 16.16 9.26 50.19
N PRO A 261 17.36 8.89 50.64
CA PRO A 261 17.65 8.91 52.08
C PRO A 261 17.78 10.33 52.62
N SER A 262 17.06 10.59 53.72
CA SER A 262 17.19 11.86 54.41
C SER A 262 18.30 11.84 55.47
N ASP A 263 18.81 10.66 55.80
CA ASP A 263 19.87 10.53 56.80
C ASP A 263 21.24 10.73 56.18
N ASP B 7 0.58 -0.33 56.90
CA ASP B 7 1.27 -0.94 55.77
C ASP B 7 0.54 -2.21 55.32
N LYS B 8 -0.26 -2.09 54.27
CA LYS B 8 -1.22 -3.12 53.91
C LYS B 8 -0.67 -4.09 52.87
N VAL B 9 -1.22 -5.30 52.89
CA VAL B 9 -0.90 -6.35 51.93
C VAL B 9 -2.23 -6.96 51.49
N TYR B 10 -2.35 -7.22 50.19
CA TYR B 10 -3.56 -7.87 49.67
C TYR B 10 -3.74 -9.23 50.35
N GLN B 11 -4.95 -9.50 50.81
CA GLN B 11 -5.26 -10.81 51.37
C GLN B 11 -5.02 -11.88 50.31
N MET B 12 -4.03 -12.74 50.57
CA MET B 12 -3.71 -13.82 49.64
C MET B 12 -4.02 -15.20 50.20
N LYS B 13 -4.21 -15.33 51.51
CA LYS B 13 -4.62 -16.60 52.10
C LYS B 13 -5.90 -17.10 51.45
N SER B 14 -5.80 -18.17 50.67
CA SER B 14 -6.94 -18.75 49.97
C SER B 14 -6.56 -20.07 49.31
N LYS B 15 -7.36 -21.10 49.49
CA LYS B 15 -7.18 -22.36 48.77
C LYS B 15 -8.44 -22.66 47.98
N PRO B 16 -8.42 -22.53 46.65
CA PRO B 16 -7.24 -22.10 45.89
C PRO B 16 -7.08 -20.58 45.93
N ARG B 17 -5.85 -20.08 45.73
CA ARG B 17 -5.64 -18.64 45.71
C ARG B 17 -6.45 -17.98 44.60
N GLY B 18 -6.47 -18.61 43.43
CA GLY B 18 -7.27 -18.10 42.33
C GLY B 18 -7.01 -18.88 41.07
N TYR B 19 -7.61 -18.42 39.99
CA TYR B 19 -7.32 -18.99 38.68
C TYR B 19 -6.05 -18.37 38.13
N CYS B 20 -5.37 -19.12 37.26
CA CYS B 20 -4.15 -18.66 36.61
C CYS B 20 -4.22 -19.09 35.15
N LEU B 21 -4.74 -18.19 34.32
CA LEU B 21 -4.85 -18.46 32.89
C LEU B 21 -3.47 -18.53 32.25
N ILE B 22 -3.31 -19.46 31.32
CA ILE B 22 -2.10 -19.54 30.52
C ILE B 22 -2.47 -19.74 29.06
N ILE B 23 -2.79 -18.65 28.38
CA ILE B 23 -2.92 -18.70 26.93
C ILE B 23 -1.52 -18.90 26.33
N ASN B 24 -1.42 -19.83 25.40
CA ASN B 24 -0.12 -20.26 24.87
C ASN B 24 -0.27 -20.44 23.35
N ASN B 25 0.02 -19.38 22.61
CA ASN B 25 -0.04 -19.43 21.15
C ASN B 25 1.25 -20.01 20.61
N HIS B 26 1.14 -20.99 19.71
CA HIS B 26 2.30 -21.57 19.07
C HIS B 26 2.09 -21.76 17.57
N ASN B 27 1.04 -22.50 17.20
CA ASN B 27 0.79 -22.84 15.80
C ASN B 27 0.09 -21.67 15.12
N PHE B 28 0.90 -20.76 14.56
CA PHE B 28 0.39 -19.64 13.80
C PHE B 28 0.16 -19.98 12.34
N ALA B 29 -0.16 -21.24 12.03
CA ALA B 29 -0.43 -21.64 10.66
C ALA B 29 -1.62 -20.86 10.10
N LYS B 30 -2.72 -20.81 10.85
CA LYS B 30 -3.91 -20.09 10.39
C LYS B 30 -3.61 -18.63 10.13
N ALA B 31 -2.72 -18.03 10.93
CA ALA B 31 -2.27 -16.68 10.67
C ALA B 31 -1.63 -16.58 9.29
N ARG B 32 -0.63 -17.41 9.02
CA ARG B 32 -0.06 -17.51 7.68
C ARG B 32 -1.13 -17.86 6.66
N GLU B 33 -2.08 -18.71 7.06
CA GLU B 33 -3.08 -19.24 6.12
C GLU B 33 -3.97 -18.14 5.57
N LYS B 34 -4.29 -17.12 6.36
CA LYS B 34 -5.32 -16.16 5.99
C LYS B 34 -4.86 -14.70 5.93
N VAL B 35 -4.06 -14.26 6.89
CA VAL B 35 -3.64 -12.85 6.96
C VAL B 35 -2.38 -12.69 6.14
N PRO B 36 -2.39 -11.86 5.08
CA PRO B 36 -1.26 -11.87 4.15
C PRO B 36 -0.01 -11.17 4.70
N LYS B 37 -0.17 -10.08 5.46
CA LYS B 37 1.02 -9.43 6.02
C LYS B 37 1.74 -10.33 7.01
N LEU B 38 1.04 -11.29 7.60
CA LEU B 38 1.64 -12.35 8.42
C LEU B 38 1.89 -13.60 7.57
N HIS B 39 2.49 -13.39 6.39
CA HIS B 39 2.77 -14.49 5.47
C HIS B 39 3.78 -15.46 6.07
N SER B 40 4.85 -14.93 6.66
CA SER B 40 5.93 -15.75 7.19
C SER B 40 6.11 -15.49 8.68
N ILE B 41 5.02 -15.52 9.42
CA ILE B 41 5.04 -15.32 10.86
C ILE B 41 5.43 -16.64 11.52
N ARG B 42 6.58 -16.65 12.20
CA ARG B 42 7.17 -17.89 12.66
C ARG B 42 6.34 -18.56 13.75
N ASP B 43 6.31 -19.87 13.73
CA ASP B 43 5.65 -20.62 14.77
C ASP B 43 6.45 -20.33 16.03
N ARG B 44 5.80 -20.14 17.17
CA ARG B 44 6.54 -19.81 18.37
C ARG B 44 7.15 -21.03 19.01
N ASN B 45 8.25 -21.47 18.46
CA ASN B 45 8.94 -22.64 18.95
C ASN B 45 9.67 -22.36 20.23
N GLY B 46 9.46 -23.23 21.20
CA GLY B 46 10.03 -23.10 22.52
C GLY B 46 9.10 -22.46 23.54
N THR B 47 8.00 -21.87 23.09
CA THR B 47 7.02 -21.33 24.02
C THR B 47 6.50 -22.38 24.97
N HIS B 48 6.62 -23.67 24.61
CA HIS B 48 6.26 -24.76 25.50
C HIS B 48 7.21 -24.91 26.68
N LEU B 49 8.21 -24.04 26.81
CA LEU B 49 9.08 -24.00 27.98
C LEU B 49 8.68 -22.91 28.95
N ASP B 50 8.25 -21.74 28.45
CA ASP B 50 7.67 -20.73 29.32
C ASP B 50 6.42 -21.25 30.02
N ALA B 51 5.54 -21.91 29.26
CA ALA B 51 4.25 -22.35 29.79
C ALA B 51 4.43 -23.25 31.02
N GLY B 52 5.25 -24.29 30.89
CA GLY B 52 5.47 -25.18 32.02
C GLY B 52 6.00 -24.45 33.24
N ALA B 53 6.97 -23.56 33.04
CA ALA B 53 7.50 -22.77 34.15
C ALA B 53 6.40 -22.00 34.85
N LEU B 54 5.46 -21.43 34.08
CA LEU B 54 4.39 -20.65 34.67
C LEU B 54 3.46 -21.54 35.51
N THR B 55 3.01 -22.65 34.93
CA THR B 55 2.21 -23.61 35.70
C THR B 55 2.94 -24.03 36.97
N THR B 56 4.16 -24.52 36.80
CA THR B 56 4.97 -24.94 37.95
C THR B 56 5.12 -23.82 38.97
N THR B 57 5.40 -22.60 38.50
CA THR B 57 5.56 -21.48 39.41
C THR B 57 4.28 -21.22 40.19
N PHE B 58 3.14 -21.16 39.49
CA PHE B 58 1.90 -20.75 40.12
C PHE B 58 1.10 -21.91 40.71
N GLU B 59 1.35 -23.15 40.28
CA GLU B 59 0.76 -24.28 40.98
C GLU B 59 1.38 -24.45 42.36
N GLU B 60 2.68 -24.15 42.49
CA GLU B 60 3.29 -24.08 43.81
C GLU B 60 2.68 -22.96 44.64
N LEU B 61 2.38 -21.83 43.98
CA LEU B 61 1.74 -20.70 44.64
C LEU B 61 0.23 -20.87 44.81
N HIS B 62 -0.26 -22.11 44.73
CA HIS B 62 -1.65 -22.45 45.07
C HIS B 62 -2.65 -21.80 44.12
N PHE B 63 -2.35 -21.86 42.82
CA PHE B 63 -3.25 -21.37 41.77
C PHE B 63 -3.72 -22.54 40.93
N GLU B 64 -5.02 -22.63 40.69
CA GLU B 64 -5.56 -23.63 39.77
C GLU B 64 -5.25 -23.16 38.35
N ILE B 65 -4.21 -23.75 37.76
CA ILE B 65 -3.81 -23.37 36.42
C ILE B 65 -4.85 -23.81 35.41
N LYS B 66 -5.16 -22.94 34.45
CA LYS B 66 -6.09 -23.23 33.38
C LYS B 66 -5.37 -22.99 32.05
N PRO B 67 -4.68 -23.99 31.53
CA PRO B 67 -3.88 -23.79 30.31
C PRO B 67 -4.72 -23.87 29.05
N HIS B 68 -4.33 -23.07 28.07
CA HIS B 68 -5.03 -23.01 26.79
C HIS B 68 -3.99 -22.82 25.69
N ASP B 69 -3.92 -23.78 24.77
CA ASP B 69 -2.92 -23.79 23.72
C ASP B 69 -3.52 -23.39 22.39
N ASP B 70 -2.78 -22.58 21.63
CA ASP B 70 -3.11 -22.23 20.25
C ASP B 70 -4.55 -21.69 20.14
N CYS B 71 -4.73 -20.52 20.73
CA CYS B 71 -6.03 -19.88 20.79
C CYS B 71 -6.13 -18.76 19.76
N THR B 72 -7.26 -18.69 19.07
CA THR B 72 -7.52 -17.63 18.11
C THR B 72 -7.98 -16.38 18.88
N VAL B 73 -8.54 -15.41 18.16
CA VAL B 73 -8.92 -14.17 18.83
C VAL B 73 -10.24 -14.33 19.57
N GLU B 74 -11.23 -15.02 18.98
CA GLU B 74 -12.47 -15.17 19.72
C GLU B 74 -12.35 -16.24 20.80
N GLN B 75 -11.51 -17.25 20.58
CA GLN B 75 -11.18 -18.17 21.67
C GLN B 75 -10.67 -17.40 22.88
N ILE B 76 -9.86 -16.37 22.64
CA ILE B 76 -9.35 -15.55 23.73
C ILE B 76 -10.45 -14.68 24.32
N TYR B 77 -11.19 -13.98 23.46
CA TYR B 77 -12.31 -13.18 23.94
C TYR B 77 -13.36 -14.02 24.65
N GLU B 78 -13.43 -15.32 24.37
CA GLU B 78 -14.39 -16.21 25.02
C GLU B 78 -13.85 -16.84 26.29
N ILE B 79 -12.54 -17.08 26.37
CA ILE B 79 -11.97 -17.61 27.61
C ILE B 79 -12.00 -16.55 28.70
N LEU B 80 -11.55 -15.33 28.37
CA LEU B 80 -11.69 -14.23 29.31
C LEU B 80 -13.15 -14.00 29.67
N LYS B 81 -14.05 -14.21 28.71
CA LYS B 81 -15.48 -14.03 28.96
C LYS B 81 -15.96 -14.94 30.08
N ILE B 82 -15.52 -16.20 30.09
CA ILE B 82 -15.88 -17.16 31.12
C ILE B 82 -15.52 -16.59 32.48
N TYR B 83 -14.22 -16.40 32.72
CA TYR B 83 -13.76 -15.96 34.03
C TYR B 83 -14.21 -14.54 34.36
N GLN B 84 -14.59 -13.75 33.35
CA GLN B 84 -15.15 -12.44 33.62
C GLN B 84 -16.49 -12.56 34.33
N LEU B 85 -17.33 -13.50 33.91
CA LEU B 85 -18.63 -13.71 34.51
C LEU B 85 -18.59 -14.60 35.74
N MET B 86 -17.44 -15.16 36.07
CA MET B 86 -17.34 -16.12 37.16
C MET B 86 -17.54 -15.44 38.52
N ASP B 87 -17.68 -16.28 39.54
CA ASP B 87 -17.88 -15.84 40.92
C ASP B 87 -16.64 -16.22 41.72
N HIS B 88 -15.66 -15.32 41.73
CA HIS B 88 -14.39 -15.50 42.42
C HIS B 88 -14.49 -15.20 43.92
N SER B 89 -15.70 -15.19 44.49
CA SER B 89 -15.89 -14.70 45.85
C SER B 89 -15.03 -15.45 46.86
N ASN B 90 -14.71 -16.71 46.59
CA ASN B 90 -13.84 -17.49 47.46
C ASN B 90 -12.40 -17.49 47.02
N MET B 91 -12.07 -16.75 45.95
CA MET B 91 -10.70 -16.54 45.52
C MET B 91 -10.20 -15.19 46.02
N ASP B 92 -8.88 -15.02 45.99
CA ASP B 92 -8.25 -13.80 46.48
C ASP B 92 -7.29 -13.20 45.44
N CYS B 93 -7.38 -13.63 44.19
CA CYS B 93 -6.46 -13.20 43.15
C CYS B 93 -6.86 -13.74 41.79
N PHE B 94 -6.49 -13.04 40.72
CA PHE B 94 -6.78 -13.47 39.36
C PHE B 94 -5.56 -13.20 38.50
N ILE B 95 -4.97 -14.24 37.94
CA ILE B 95 -3.77 -14.14 37.13
C ILE B 95 -4.07 -14.65 35.73
N CYS B 96 -3.56 -13.94 34.73
CA CYS B 96 -3.76 -14.32 33.34
C CYS B 96 -2.45 -14.16 32.60
N CYS B 97 -1.92 -15.28 32.10
CA CYS B 97 -0.68 -15.27 31.33
C CYS B 97 -0.99 -15.42 29.85
N ILE B 98 -0.26 -14.69 29.02
CA ILE B 98 -0.44 -14.74 27.58
C ILE B 98 0.93 -14.84 26.92
N LEU B 99 1.17 -15.92 26.20
CA LEU B 99 2.39 -16.09 25.47
C LEU B 99 1.94 -16.17 24.04
N SER B 100 2.38 -15.21 23.25
CA SER B 100 2.04 -15.04 21.83
C SER B 100 2.86 -13.92 21.24
N HIS B 101 2.48 -13.42 20.09
CA HIS B 101 3.18 -12.25 19.54
C HIS B 101 2.30 -11.26 18.81
N GLY B 102 2.67 -9.99 18.80
CA GLY B 102 1.85 -9.00 18.12
C GLY B 102 2.54 -7.66 18.06
N ASP B 103 1.83 -6.68 17.51
CA ASP B 103 2.33 -5.31 17.42
C ASP B 103 2.46 -4.71 18.82
N LYS B 104 2.82 -3.43 18.88
CA LYS B 104 3.19 -2.82 20.16
C LYS B 104 2.05 -2.83 21.17
N GLY B 105 0.80 -2.83 20.70
CA GLY B 105 -0.32 -2.77 21.61
C GLY B 105 -1.28 -3.95 21.48
N ILE B 106 -1.25 -4.62 20.34
CA ILE B 106 -2.15 -5.74 20.08
C ILE B 106 -1.47 -7.06 20.43
N ILE B 107 -2.22 -8.15 20.34
CA ILE B 107 -1.72 -9.51 20.36
C ILE B 107 -2.32 -10.23 19.16
N TYR B 108 -1.57 -11.18 18.62
CA TYR B 108 -2.05 -11.97 17.49
C TYR B 108 -2.53 -13.33 17.98
N GLY B 109 -3.78 -13.64 17.73
CA GLY B 109 -4.24 -15.01 17.87
C GLY B 109 -3.57 -15.90 16.85
N THR B 110 -3.76 -17.21 17.03
CA THR B 110 -3.16 -18.17 16.09
C THR B 110 -3.75 -18.06 14.69
N ASP B 111 -4.66 -17.11 14.46
CA ASP B 111 -5.19 -16.82 13.13
C ASP B 111 -4.77 -15.44 12.64
N GLY B 112 -3.78 -14.82 13.29
CA GLY B 112 -3.33 -13.50 12.88
C GLY B 112 -4.29 -12.37 13.17
N GLN B 113 -5.47 -12.65 13.70
CA GLN B 113 -6.37 -11.59 14.08
C GLN B 113 -5.91 -10.95 15.39
N GLU B 114 -6.22 -9.66 15.53
CA GLU B 114 -5.64 -8.83 16.57
C GLU B 114 -6.55 -8.78 17.79
N ALA B 115 -5.99 -8.30 18.89
CA ALA B 115 -6.75 -8.04 20.11
C ALA B 115 -6.00 -7.04 20.98
N PRO B 116 -6.47 -5.79 21.08
CA PRO B 116 -5.79 -4.82 21.95
C PRO B 116 -5.76 -5.28 23.39
N ILE B 117 -4.59 -5.10 24.03
CA ILE B 117 -4.41 -5.58 25.40
C ILE B 117 -5.36 -4.89 26.35
N TYR B 118 -5.66 -3.61 26.10
CA TYR B 118 -6.69 -2.94 26.90
C TYR B 118 -8.00 -3.71 26.84
N GLU B 119 -8.46 -4.04 25.63
CA GLU B 119 -9.69 -4.80 25.45
C GLU B 119 -9.68 -6.15 26.18
N LEU B 120 -8.52 -6.61 26.64
CA LEU B 120 -8.42 -7.81 27.47
C LEU B 120 -8.46 -7.46 28.95
N THR B 121 -7.52 -6.62 29.39
CA THR B 121 -7.50 -6.20 30.80
C THR B 121 -8.79 -5.50 31.19
N SER B 122 -9.49 -4.90 30.22
CA SER B 122 -10.72 -4.17 30.50
C SER B 122 -11.91 -5.08 30.78
N GLN B 123 -11.74 -6.40 30.66
CA GLN B 123 -12.86 -7.31 30.93
C GLN B 123 -13.07 -7.52 32.42
N PHE B 124 -12.03 -7.39 33.23
CA PHE B 124 -12.14 -7.75 34.63
C PHE B 124 -12.16 -6.48 35.49
N THR B 125 -13.02 -5.56 35.09
CA THR B 125 -13.40 -4.36 35.84
C THR B 125 -13.99 -4.74 37.19
N GLY B 126 -14.34 -3.76 38.00
CA GLY B 126 -15.23 -4.00 39.12
C GLY B 126 -16.63 -4.17 38.58
N LEU B 127 -17.04 -3.26 37.70
CA LEU B 127 -18.38 -3.33 37.11
C LEU B 127 -18.55 -4.61 36.29
N LYS B 128 -17.54 -4.96 35.50
CA LYS B 128 -17.61 -6.11 34.61
C LYS B 128 -17.34 -7.43 35.32
N CYS B 129 -16.77 -7.39 36.53
CA CYS B 129 -16.53 -8.59 37.31
C CYS B 129 -16.63 -8.24 38.79
N PRO B 130 -17.84 -7.96 39.28
CA PRO B 130 -17.98 -7.52 40.68
C PRO B 130 -17.46 -8.52 41.67
N SER B 131 -17.46 -9.80 41.31
CA SER B 131 -16.87 -10.83 42.16
C SER B 131 -15.37 -10.67 42.34
N LEU B 132 -14.73 -9.76 41.62
CA LEU B 132 -13.29 -9.55 41.70
C LEU B 132 -12.93 -8.14 42.11
N ALA B 133 -13.86 -7.40 42.71
CA ALA B 133 -13.54 -6.07 43.20
C ALA B 133 -12.47 -6.14 44.28
N GLY B 134 -11.67 -5.08 44.37
CA GLY B 134 -10.68 -4.90 45.42
C GLY B 134 -9.70 -6.02 45.64
N LYS B 135 -9.40 -6.80 44.61
CA LYS B 135 -8.49 -7.93 44.75
C LYS B 135 -7.66 -8.07 43.49
N PRO B 136 -6.37 -8.38 43.60
CA PRO B 136 -5.45 -8.17 42.48
C PRO B 136 -5.83 -8.99 41.25
N LYS B 137 -5.89 -8.30 40.12
CA LYS B 137 -6.01 -8.91 38.80
C LYS B 137 -4.69 -8.68 38.09
N VAL B 138 -3.88 -9.72 38.01
CA VAL B 138 -2.51 -9.63 37.52
C VAL B 138 -2.47 -10.17 36.09
N PHE B 139 -1.71 -9.50 35.23
CA PHE B 139 -1.55 -9.90 33.84
C PHE B 139 -0.07 -9.97 33.51
N PHE B 140 0.36 -11.07 32.91
CA PHE B 140 1.70 -11.22 32.37
C PHE B 140 1.59 -11.49 30.88
N ILE B 141 2.32 -10.73 30.08
CA ILE B 141 2.22 -10.78 28.62
C ILE B 141 3.63 -10.76 28.04
N GLN B 142 3.91 -11.70 27.13
CA GLN B 142 5.22 -11.80 26.47
C GLN B 142 4.97 -11.98 24.98
N ALA B 143 4.83 -10.86 24.27
CA ALA B 143 4.58 -10.85 22.83
C ALA B 143 5.86 -10.46 22.10
N CYS B 144 6.25 -11.28 21.12
CA CYS B 144 7.44 -11.02 20.32
C CYS B 144 7.13 -10.06 19.18
N GLN B 145 8.12 -9.25 18.84
CA GLN B 145 7.96 -8.24 17.80
C GLN B 145 8.36 -8.78 16.44
N THR B 174 -4.66 5.20 23.01
CA THR B 174 -4.21 3.94 23.59
C THR B 174 -4.20 4.02 25.12
N ARG B 175 -4.50 2.89 25.74
CA ARG B 175 -4.22 2.67 27.15
C ARG B 175 -4.02 1.17 27.32
N TYR B 176 -3.55 0.76 28.49
CA TYR B 176 -3.21 -0.63 28.72
C TYR B 176 -4.00 -1.28 29.85
N ILE B 177 -4.30 -0.56 30.91
CA ILE B 177 -5.18 -1.07 31.97
C ILE B 177 -6.11 0.04 32.42
N PRO B 178 -7.34 -0.35 32.77
CA PRO B 178 -8.36 0.67 33.11
C PRO B 178 -7.97 1.49 34.33
N ASP B 179 -8.70 2.58 34.54
CA ASP B 179 -8.44 3.53 35.61
C ASP B 179 -8.96 3.08 36.95
N GLU B 180 -9.24 1.79 37.11
CA GLU B 180 -9.64 1.23 38.39
C GLU B 180 -8.44 0.64 39.10
N ALA B 181 -8.59 0.44 40.42
CA ALA B 181 -7.46 0.01 41.24
C ALA B 181 -7.19 -1.49 41.02
N ASP B 182 -6.12 -1.96 41.67
CA ASP B 182 -5.83 -3.38 41.81
C ASP B 182 -5.58 -4.06 40.46
N PHE B 183 -4.60 -3.54 39.72
CA PHE B 183 -4.16 -4.18 38.48
C PHE B 183 -2.65 -4.20 38.42
N LEU B 184 -2.12 -5.18 37.70
CA LEU B 184 -0.69 -5.31 37.43
C LEU B 184 -0.53 -5.85 36.01
N LEU B 185 0.33 -5.21 35.22
CA LEU B 185 0.55 -5.57 33.82
C LEU B 185 2.05 -5.69 33.58
N GLY B 186 2.59 -6.88 33.86
CA GLY B 186 3.96 -7.17 33.52
C GLY B 186 4.08 -7.64 32.10
N MET B 187 4.24 -6.70 31.18
CA MET B 187 4.28 -6.98 29.75
C MET B 187 5.68 -6.72 29.20
N ALA B 188 6.06 -7.49 28.19
CA ALA B 188 7.38 -7.38 27.57
C ALA B 188 7.25 -7.34 26.05
N THR B 189 7.52 -6.19 25.45
CA THR B 189 7.70 -6.11 24.01
C THR B 189 9.01 -6.79 23.64
N VAL B 190 8.94 -7.76 22.72
CA VAL B 190 10.09 -8.61 22.45
C VAL B 190 10.21 -8.97 20.97
N TRP B 204 15.48 -14.90 29.62
CA TRP B 204 14.50 -13.94 29.13
C TRP B 204 13.43 -13.62 30.14
N TYR B 205 12.40 -12.93 29.72
CA TYR B 205 11.43 -12.45 30.68
C TYR B 205 10.65 -13.39 31.50
N ILE B 206 10.03 -14.39 30.91
CA ILE B 206 9.19 -15.27 31.69
C ILE B 206 9.95 -16.28 32.48
N GLN B 207 11.10 -16.70 31.97
CA GLN B 207 11.94 -17.64 32.69
C GLN B 207 12.61 -16.99 33.90
N SER B 208 12.99 -15.72 33.77
CA SER B 208 13.52 -15.01 34.92
C SER B 208 12.41 -14.54 35.84
N LEU B 209 11.23 -14.25 35.29
CA LEU B 209 10.07 -13.96 36.14
C LEU B 209 9.76 -15.15 37.03
N CYS B 210 9.80 -16.36 36.47
CA CYS B 210 9.51 -17.56 37.25
C CYS B 210 10.61 -17.86 38.25
N GLN B 211 11.87 -17.91 37.77
CA GLN B 211 12.99 -18.25 38.64
C GLN B 211 13.06 -17.32 39.84
N SER B 212 12.89 -16.03 39.61
CA SER B 212 12.90 -15.04 40.68
C SER B 212 11.58 -15.01 41.44
N LEU B 213 10.57 -15.77 41.02
CA LEU B 213 9.31 -15.85 41.73
C LEU B 213 9.31 -17.01 42.72
N ARG B 214 9.73 -18.20 42.29
CA ARG B 214 9.86 -19.31 43.22
C ARG B 214 11.00 -19.08 44.21
N GLU B 215 12.01 -18.30 43.81
CA GLU B 215 13.14 -18.04 44.69
C GLU B 215 12.76 -17.09 45.82
N ARG B 216 11.90 -16.11 45.54
CA ARG B 216 11.68 -15.00 46.46
C ARG B 216 10.32 -15.02 47.14
N SER B 217 9.26 -15.46 46.47
CA SER B 217 7.94 -15.50 47.10
C SER B 217 7.90 -16.26 48.41
N PRO B 218 8.65 -17.34 48.61
CA PRO B 218 8.76 -17.91 49.96
C PRO B 218 9.24 -16.91 51.00
N ARG B 219 10.27 -16.13 50.66
CA ARG B 219 10.82 -15.13 51.58
C ARG B 219 9.86 -13.99 51.88
N GLY B 220 8.70 -13.94 51.23
CA GLY B 220 7.70 -12.94 51.53
C GLY B 220 7.85 -11.62 50.81
N ASP B 221 8.69 -11.53 49.82
CA ASP B 221 8.91 -10.29 49.10
C ASP B 221 7.72 -9.90 48.22
N ASP B 222 7.56 -8.59 48.03
CA ASP B 222 6.48 -8.01 47.23
C ASP B 222 6.69 -8.26 45.74
N ILE B 223 5.61 -8.19 44.97
CA ILE B 223 5.67 -8.42 43.54
C ILE B 223 6.57 -7.39 42.85
N LEU B 224 6.49 -6.13 43.26
CA LEU B 224 7.33 -5.13 42.67
C LEU B 224 8.76 -5.48 42.97
N THR B 225 9.06 -5.90 44.18
CA THR B 225 10.43 -6.32 44.43
C THR B 225 10.86 -7.39 43.44
N ILE B 226 9.97 -8.33 43.14
CA ILE B 226 10.29 -9.39 42.18
C ILE B 226 10.47 -8.80 40.79
N LEU B 227 9.52 -7.97 40.37
CA LEU B 227 9.55 -7.43 39.01
C LEU B 227 10.77 -6.54 38.81
N THR B 228 11.16 -5.78 39.83
CA THR B 228 12.39 -5.01 39.74
C THR B 228 13.61 -5.90 39.59
N GLU B 229 13.54 -7.12 40.13
CA GLU B 229 14.70 -8.01 40.03
C GLU B 229 14.83 -8.59 38.63
N VAL B 230 13.73 -9.06 38.05
CA VAL B 230 13.77 -9.58 36.68
C VAL B 230 14.14 -8.51 35.68
N ASN B 231 14.08 -7.23 36.07
CA ASN B 231 14.52 -6.16 35.18
C ASN B 231 16.03 -6.21 34.97
N TYR B 232 16.80 -6.34 36.06
CA TYR B 232 18.25 -6.40 35.94
C TYR B 232 18.69 -7.63 35.16
N GLU B 233 18.03 -8.77 35.38
CA GLU B 233 18.38 -9.98 34.64
C GLU B 233 18.15 -9.78 33.13
N VAL B 234 17.08 -9.08 32.79
CA VAL B 234 16.79 -8.78 31.39
C VAL B 234 17.58 -7.58 30.88
N SER B 235 18.25 -6.86 31.77
CA SER B 235 18.75 -5.52 31.44
C SER B 235 19.99 -5.52 30.55
N ASN B 236 20.78 -6.58 30.57
CA ASN B 236 22.09 -6.53 29.91
C ASN B 236 22.33 -7.68 28.95
N GLN B 246 12.38 -4.94 24.29
CA GLN B 246 13.56 -5.41 25.00
C GLN B 246 13.33 -5.40 26.51
N MET B 247 12.82 -4.29 27.02
CA MET B 247 12.62 -4.12 28.45
C MET B 247 11.15 -4.27 28.81
N PRO B 248 10.82 -5.04 29.84
CA PRO B 248 9.43 -5.08 30.31
C PRO B 248 9.05 -3.76 30.95
N GLN B 249 7.75 -3.49 30.98
CA GLN B 249 7.20 -2.24 31.49
C GLN B 249 6.00 -2.53 32.38
N PRO B 250 6.22 -2.82 33.66
CA PRO B 250 5.08 -3.03 34.57
C PRO B 250 4.34 -1.76 34.93
N THR B 251 3.15 -1.58 34.36
CA THR B 251 2.19 -0.60 34.85
C THR B 251 1.34 -1.26 35.92
N PHE B 252 1.12 -0.55 37.03
CA PHE B 252 0.40 -1.14 38.15
C PHE B 252 -0.39 -0.07 38.88
N THR B 253 -1.57 -0.44 39.35
CA THR B 253 -2.50 0.45 40.05
C THR B 253 -2.98 -0.20 41.33
N LEU B 254 -2.05 -0.76 42.11
CA LEU B 254 -2.37 -1.56 43.28
C LEU B 254 -2.31 -0.72 44.54
N ARG B 255 -3.23 -1.00 45.48
CA ARG B 255 -3.39 -0.19 46.67
C ARG B 255 -2.59 -0.71 47.86
N LYS B 256 -2.51 -2.03 48.02
CA LYS B 256 -1.67 -2.63 49.05
C LYS B 256 -0.51 -3.38 48.39
N LYS B 257 0.40 -3.86 49.24
CA LYS B 257 1.45 -4.74 48.75
C LYS B 257 0.85 -6.07 48.34
N LEU B 258 1.63 -6.86 47.61
CA LEU B 258 1.15 -8.09 47.01
C LEU B 258 2.22 -9.16 47.16
N VAL B 259 1.92 -10.19 47.95
CA VAL B 259 2.80 -11.33 48.10
C VAL B 259 2.01 -12.60 47.78
N PHE B 260 2.75 -13.65 47.43
CA PHE B 260 2.20 -14.99 47.23
C PHE B 260 2.82 -15.92 48.27
N PRO B 261 2.18 -16.09 49.42
CA PRO B 261 2.76 -16.97 50.45
C PRO B 261 2.91 -18.39 49.94
N SER B 262 4.01 -19.04 50.33
CA SER B 262 4.31 -20.38 49.87
C SER B 262 3.91 -21.47 50.85
N ASP B 263 3.79 -21.15 52.14
CA ASP B 263 3.33 -22.08 53.17
C ASP B 263 4.24 -23.30 53.28
N ASP C 7 7.24 -4.06 -10.58
CA ASP C 7 7.49 -5.11 -11.57
C ASP C 7 8.73 -4.78 -12.38
N LYS C 8 9.89 -5.09 -11.79
CA LYS C 8 11.17 -4.55 -12.25
C LYS C 8 11.47 -4.95 -13.69
N VAL C 9 12.36 -4.17 -14.31
CA VAL C 9 12.69 -4.29 -15.73
C VAL C 9 14.19 -4.12 -15.88
N TYR C 10 14.81 -5.03 -16.64
CA TYR C 10 16.21 -4.86 -17.02
C TYR C 10 16.37 -3.57 -17.81
N GLN C 11 17.27 -2.69 -17.33
CA GLN C 11 17.54 -1.46 -18.05
C GLN C 11 18.07 -1.76 -19.44
N MET C 12 17.53 -1.06 -20.44
CA MET C 12 18.00 -1.15 -21.82
C MET C 12 18.03 0.25 -22.43
N LYS C 13 18.84 1.13 -21.83
CA LYS C 13 18.90 2.53 -22.22
C LYS C 13 20.04 2.86 -23.16
N SER C 14 21.06 2.02 -23.23
CA SER C 14 22.26 2.36 -23.99
C SER C 14 21.98 2.38 -25.48
N LYS C 15 22.96 2.87 -26.24
CA LYS C 15 22.96 2.90 -27.69
C LYS C 15 24.41 2.96 -28.17
N PRO C 16 24.99 1.85 -28.65
CA PRO C 16 24.37 0.53 -28.83
C PRO C 16 24.04 -0.18 -27.52
N ARG C 17 22.99 -1.00 -27.53
CA ARG C 17 22.56 -1.66 -26.30
C ARG C 17 23.57 -2.70 -25.85
N GLY C 18 24.17 -3.43 -26.79
CA GLY C 18 25.19 -4.40 -26.46
C GLY C 18 25.94 -4.86 -27.68
N TYR C 19 26.83 -5.83 -27.46
CA TYR C 19 27.58 -6.49 -28.53
C TYR C 19 26.86 -7.80 -28.86
N CYS C 20 26.20 -7.85 -30.02
CA CYS C 20 25.51 -9.06 -30.45
C CYS C 20 26.46 -9.86 -31.33
N LEU C 21 27.13 -10.85 -30.74
CA LEU C 21 27.96 -11.75 -31.51
C LEU C 21 27.11 -12.80 -32.21
N ILE C 22 27.44 -13.06 -33.46
CA ILE C 22 26.76 -14.06 -34.27
C ILE C 22 27.82 -14.97 -34.87
N ILE C 23 27.86 -16.21 -34.40
CA ILE C 23 28.77 -17.21 -34.93
C ILE C 23 28.03 -18.04 -35.96
N ASN C 24 28.56 -18.07 -37.17
CA ASN C 24 28.03 -18.86 -38.27
C ASN C 24 29.05 -19.94 -38.61
N ASN C 25 28.63 -21.20 -38.56
CA ASN C 25 29.50 -22.34 -38.87
C ASN C 25 28.82 -23.17 -39.94
N HIS C 26 29.34 -23.09 -41.16
CA HIS C 26 28.75 -23.76 -42.32
C HIS C 26 29.64 -24.87 -42.88
N ASN C 27 30.90 -24.57 -43.15
CA ASN C 27 31.83 -25.55 -43.72
C ASN C 27 32.47 -26.35 -42.59
N PHE C 28 32.29 -27.66 -42.61
CA PHE C 28 32.90 -28.57 -41.64
C PHE C 28 33.86 -29.53 -42.35
N ALA C 29 34.67 -28.99 -43.27
CA ALA C 29 35.55 -29.84 -44.06
C ALA C 29 36.63 -30.46 -43.18
N LYS C 30 37.29 -29.64 -42.35
CA LYS C 30 38.30 -30.17 -41.45
C LYS C 30 37.71 -31.15 -40.44
N ALA C 31 36.39 -31.14 -40.24
CA ALA C 31 35.75 -32.13 -39.38
C ALA C 31 35.87 -33.51 -40.00
N ARG C 32 35.05 -33.80 -41.02
CA ARG C 32 35.03 -35.09 -41.70
C ARG C 32 36.43 -35.65 -41.91
N GLU C 33 37.39 -34.77 -42.17
CA GLU C 33 38.77 -35.19 -42.42
C GLU C 33 39.46 -35.63 -41.13
N LYS C 34 39.64 -34.71 -40.18
CA LYS C 34 40.51 -34.95 -39.05
C LYS C 34 39.86 -35.71 -37.90
N VAL C 35 38.53 -35.77 -37.89
CA VAL C 35 37.76 -36.47 -36.88
C VAL C 35 37.05 -37.66 -37.57
N PRO C 36 37.08 -38.83 -36.98
CA PRO C 36 36.50 -40.00 -37.68
C PRO C 36 35.04 -40.21 -37.33
N LYS C 37 34.64 -39.85 -36.10
CA LYS C 37 33.24 -39.96 -35.71
C LYS C 37 32.34 -39.15 -36.63
N LEU C 38 32.84 -38.04 -37.17
CA LEU C 38 32.08 -37.19 -38.07
C LEU C 38 32.51 -37.38 -39.53
N HIS C 39 32.83 -38.63 -39.90
CA HIS C 39 33.32 -38.98 -41.24
C HIS C 39 32.44 -38.43 -42.36
N SER C 40 31.17 -38.15 -42.08
CA SER C 40 30.31 -37.49 -43.05
C SER C 40 29.25 -36.73 -42.25
N ILE C 41 29.45 -35.41 -42.14
CA ILE C 41 28.46 -34.52 -41.56
C ILE C 41 28.26 -33.37 -42.54
N ARG C 42 27.04 -33.23 -43.05
CA ARG C 42 26.77 -32.30 -44.13
C ARG C 42 27.10 -30.87 -43.71
N ASP C 43 27.38 -30.04 -44.72
CA ASP C 43 27.56 -28.62 -44.47
C ASP C 43 26.20 -27.96 -44.23
N ARG C 44 26.25 -26.82 -43.56
CA ARG C 44 25.04 -26.12 -43.13
C ARG C 44 24.63 -25.11 -44.20
N ASN C 45 23.54 -25.39 -44.89
CA ASN C 45 23.10 -24.62 -46.05
C ASN C 45 22.08 -23.59 -45.61
N GLY C 46 22.38 -22.32 -45.88
CA GLY C 46 21.48 -21.27 -45.46
C GLY C 46 21.58 -20.90 -44.00
N THR C 47 22.57 -21.44 -43.28
CA THR C 47 22.87 -20.88 -41.96
C THR C 47 23.28 -19.43 -42.07
N HIS C 48 23.68 -19.05 -43.27
CA HIS C 48 23.96 -17.66 -43.56
C HIS C 48 22.63 -16.94 -43.50
N LEU C 49 21.63 -17.57 -44.07
CA LEU C 49 20.29 -16.99 -44.03
C LEU C 49 19.71 -17.02 -42.63
N ASP C 50 20.13 -17.99 -41.81
CA ASP C 50 19.89 -17.92 -40.37
C ASP C 50 20.59 -16.70 -39.77
N ALA C 51 21.91 -16.61 -40.03
CA ALA C 51 22.72 -15.57 -39.41
C ALA C 51 22.32 -14.17 -39.87
N GLY C 52 21.87 -14.03 -41.12
CA GLY C 52 21.43 -12.73 -41.59
C GLY C 52 20.24 -12.20 -40.81
N ALA C 53 19.22 -13.04 -40.65
CA ALA C 53 18.04 -12.66 -39.87
C ALA C 53 18.41 -12.22 -38.46
N LEU C 54 19.49 -12.79 -37.89
CA LEU C 54 19.95 -12.38 -36.57
C LEU C 54 20.56 -10.99 -36.63
N THR C 55 21.56 -10.80 -37.50
CA THR C 55 22.13 -9.47 -37.74
C THR C 55 21.03 -8.45 -37.95
N THR C 56 20.13 -8.73 -38.89
CA THR C 56 18.99 -7.86 -39.17
C THR C 56 18.20 -7.57 -37.90
N THR C 57 17.71 -8.62 -37.24
CA THR C 57 16.82 -8.44 -36.10
C THR C 57 17.49 -7.61 -35.01
N PHE C 58 18.76 -7.87 -34.73
CA PHE C 58 19.42 -7.28 -33.58
C PHE C 58 20.07 -5.93 -33.89
N GLU C 59 20.56 -5.72 -35.11
CA GLU C 59 20.95 -4.36 -35.51
C GLU C 59 19.75 -3.44 -35.46
N GLU C 60 18.59 -3.92 -35.90
CA GLU C 60 17.35 -3.15 -35.78
C GLU C 60 17.00 -2.84 -34.34
N LEU C 61 17.61 -3.53 -33.38
CA LEU C 61 17.38 -3.29 -31.95
C LEU C 61 18.59 -2.64 -31.28
N HIS C 62 19.42 -1.93 -32.04
CA HIS C 62 20.54 -1.15 -31.50
C HIS C 62 21.57 -2.05 -30.81
N PHE C 63 22.01 -3.08 -31.53
CA PHE C 63 23.09 -3.94 -31.07
C PHE C 63 24.22 -3.89 -32.07
N GLU C 64 25.45 -3.85 -31.57
CA GLU C 64 26.64 -3.81 -32.44
C GLU C 64 26.98 -5.24 -32.82
N ILE C 65 26.51 -5.65 -34.00
CA ILE C 65 26.71 -7.02 -34.46
C ILE C 65 28.19 -7.27 -34.72
N LYS C 66 28.67 -8.42 -34.26
CA LYS C 66 30.06 -8.83 -34.45
C LYS C 66 30.05 -10.26 -35.00
N PRO C 67 29.92 -10.41 -36.30
CA PRO C 67 29.80 -11.76 -36.87
C PRO C 67 31.15 -12.41 -37.10
N HIS C 68 31.16 -13.73 -36.97
CA HIS C 68 32.32 -14.56 -37.24
C HIS C 68 31.87 -15.79 -38.01
N ASP C 69 32.74 -16.28 -38.90
CA ASP C 69 32.36 -17.34 -39.82
C ASP C 69 33.34 -18.50 -39.75
N ASP C 70 32.79 -19.71 -39.69
CA ASP C 70 33.55 -20.96 -39.75
C ASP C 70 34.64 -20.99 -38.68
N CYS C 71 34.24 -20.76 -37.43
CA CYS C 71 35.18 -20.67 -36.32
C CYS C 71 35.36 -22.04 -35.70
N THR C 72 36.60 -22.51 -35.67
CA THR C 72 36.93 -23.73 -34.95
C THR C 72 36.67 -23.52 -33.45
N VAL C 73 36.78 -24.61 -32.70
CA VAL C 73 36.68 -24.53 -31.24
C VAL C 73 37.75 -23.59 -30.70
N GLU C 74 38.98 -23.72 -31.20
CA GLU C 74 40.05 -22.81 -30.80
C GLU C 74 39.68 -21.37 -31.12
N GLN C 75 39.12 -21.15 -32.31
CA GLN C 75 38.62 -19.81 -32.65
C GLN C 75 37.50 -19.39 -31.70
N ILE C 76 36.43 -20.19 -31.64
CA ILE C 76 35.27 -19.86 -30.80
C ILE C 76 35.70 -19.56 -29.38
N TYR C 77 36.54 -20.42 -28.80
CA TYR C 77 36.98 -20.23 -27.42
C TYR C 77 37.71 -18.90 -27.26
N GLU C 78 38.50 -18.51 -28.26
CA GLU C 78 39.29 -17.29 -28.18
C GLU C 78 38.53 -16.06 -28.67
N ILE C 79 37.37 -16.23 -29.30
CA ILE C 79 36.51 -15.09 -29.57
C ILE C 79 35.86 -14.59 -28.29
N LEU C 80 35.36 -15.52 -27.46
CA LEU C 80 34.78 -15.13 -26.19
C LEU C 80 35.85 -14.75 -25.17
N LYS C 81 37.07 -15.27 -25.35
CA LYS C 81 38.20 -14.81 -24.55
C LYS C 81 38.33 -13.29 -24.62
N ILE C 82 38.15 -12.73 -25.81
CA ILE C 82 38.15 -11.28 -26.02
C ILE C 82 37.05 -10.64 -25.19
N TYR C 83 35.80 -10.96 -25.51
CA TYR C 83 34.66 -10.22 -24.94
C TYR C 83 34.51 -10.43 -23.45
N GLN C 84 35.15 -11.45 -22.87
CA GLN C 84 35.11 -11.63 -21.44
C GLN C 84 35.79 -10.46 -20.72
N LEU C 85 36.96 -10.03 -21.22
CA LEU C 85 37.70 -8.94 -20.60
C LEU C 85 37.43 -7.59 -21.25
N MET C 86 36.57 -7.53 -22.25
CA MET C 86 36.05 -6.25 -22.72
C MET C 86 35.30 -5.56 -21.58
N ASP C 87 35.23 -4.22 -21.66
CA ASP C 87 34.69 -3.41 -20.57
C ASP C 87 33.29 -2.93 -21.01
N HIS C 88 32.27 -3.73 -20.67
CA HIS C 88 30.88 -3.40 -20.94
C HIS C 88 30.28 -2.46 -19.90
N SER C 89 31.10 -1.66 -19.20
CA SER C 89 30.55 -0.72 -18.24
C SER C 89 29.54 0.22 -18.88
N ASN C 90 29.67 0.46 -20.20
CA ASN C 90 28.74 1.31 -20.91
C ASN C 90 27.43 0.57 -21.22
N MET C 91 27.52 -0.54 -21.94
CA MET C 91 26.33 -1.19 -22.48
C MET C 91 25.48 -1.84 -21.39
N ASP C 92 24.26 -2.19 -21.77
CA ASP C 92 23.27 -2.75 -20.87
C ASP C 92 22.99 -4.22 -21.14
N CYS C 93 23.66 -4.83 -22.11
CA CYS C 93 23.31 -6.19 -22.51
C CYS C 93 24.49 -6.83 -23.24
N PHE C 94 24.39 -8.16 -23.37
CA PHE C 94 25.36 -8.96 -24.11
C PHE C 94 24.60 -10.13 -24.72
N ILE C 95 24.62 -10.22 -26.04
CA ILE C 95 23.88 -11.25 -26.78
C ILE C 95 24.88 -12.03 -27.62
N CYS C 96 24.85 -13.35 -27.50
CA CYS C 96 25.74 -14.22 -28.27
C CYS C 96 24.91 -15.29 -28.97
N CYS C 97 25.07 -15.38 -30.28
CA CYS C 97 24.40 -16.40 -31.08
C CYS C 97 25.43 -17.42 -31.56
N ILE C 98 24.97 -18.66 -31.73
CA ILE C 98 25.84 -19.75 -32.20
C ILE C 98 25.02 -20.65 -33.12
N LEU C 99 25.47 -20.79 -34.37
CA LEU C 99 24.86 -21.68 -35.34
C LEU C 99 25.90 -22.69 -35.78
N SER C 100 25.68 -23.96 -35.46
CA SER C 100 26.64 -25.01 -35.79
C SER C 100 26.02 -26.37 -35.51
N HIS C 101 26.70 -27.40 -35.99
CA HIS C 101 26.41 -28.78 -35.60
C HIS C 101 26.47 -28.89 -34.08
N GLY C 102 25.58 -29.66 -33.50
CA GLY C 102 25.64 -29.83 -32.07
C GLY C 102 25.18 -31.15 -31.56
N ASP C 103 25.84 -31.61 -30.51
CA ASP C 103 25.49 -32.85 -29.83
C ASP C 103 24.64 -32.52 -28.61
N LYS C 104 24.61 -33.41 -27.64
CA LYS C 104 23.80 -33.19 -26.47
C LYS C 104 24.14 -32.02 -25.56
N GLY C 105 25.40 -31.87 -25.19
CA GLY C 105 25.76 -30.81 -24.29
C GLY C 105 26.96 -30.05 -24.76
N ILE C 106 27.14 -30.07 -26.05
CA ILE C 106 28.30 -29.52 -26.72
C ILE C 106 27.88 -28.96 -28.07
N ILE C 107 28.67 -28.03 -28.60
CA ILE C 107 28.54 -27.57 -29.98
C ILE C 107 29.89 -27.79 -30.66
N TYR C 108 29.86 -28.48 -31.80
CA TYR C 108 31.08 -28.76 -32.53
C TYR C 108 31.63 -27.50 -33.16
N GLY C 109 32.96 -27.40 -33.20
CA GLY C 109 33.60 -26.38 -34.01
C GLY C 109 33.56 -26.76 -35.47
N THR C 110 34.14 -25.90 -36.31
CA THR C 110 34.20 -26.21 -37.73
C THR C 110 35.30 -27.24 -38.03
N ASP C 111 36.20 -27.51 -37.09
CA ASP C 111 37.25 -28.50 -37.27
C ASP C 111 36.88 -29.87 -36.73
N GLY C 112 35.71 -30.01 -36.12
CA GLY C 112 35.22 -31.31 -35.66
C GLY C 112 35.24 -31.52 -34.17
N GLN C 113 35.91 -30.65 -33.40
CA GLN C 113 35.94 -30.80 -31.95
C GLN C 113 34.83 -29.99 -31.30
N GLU C 114 34.70 -30.13 -29.99
CA GLU C 114 33.49 -29.81 -29.27
C GLU C 114 33.74 -28.76 -28.19
N ALA C 115 32.67 -28.07 -27.82
CA ALA C 115 32.70 -27.05 -26.78
C ALA C 115 31.52 -27.26 -25.84
N PRO C 116 31.75 -27.60 -24.58
CA PRO C 116 30.64 -27.69 -23.62
C PRO C 116 29.97 -26.33 -23.45
N ILE C 117 28.65 -26.31 -23.57
CA ILE C 117 27.91 -25.05 -23.48
C ILE C 117 28.17 -24.38 -22.14
N TYR C 118 28.23 -25.18 -21.06
CA TYR C 118 28.49 -24.61 -19.74
C TYR C 118 29.85 -23.90 -19.71
N GLU C 119 30.82 -24.40 -20.45
CA GLU C 119 32.10 -23.69 -20.55
C GLU C 119 31.93 -22.36 -21.27
N LEU C 120 31.05 -22.31 -22.28
CA LEU C 120 30.91 -21.11 -23.08
C LEU C 120 30.12 -20.02 -22.34
N THR C 121 29.05 -20.41 -21.65
CA THR C 121 28.27 -19.41 -20.93
C THR C 121 29.02 -18.90 -19.71
N SER C 122 29.78 -19.77 -19.04
CA SER C 122 30.43 -19.40 -17.80
C SER C 122 31.52 -18.35 -17.98
N GLN C 123 31.97 -18.08 -19.21
CA GLN C 123 33.00 -17.08 -19.41
C GLN C 123 32.53 -15.69 -19.01
N PHE C 124 31.22 -15.45 -19.05
CA PHE C 124 30.64 -14.14 -18.79
C PHE C 124 29.89 -14.15 -17.47
N THR C 125 30.44 -14.87 -16.50
CA THR C 125 29.97 -14.89 -15.11
C THR C 125 30.15 -13.50 -14.51
N GLY C 126 29.69 -13.30 -13.27
CA GLY C 126 29.93 -12.03 -12.62
C GLY C 126 31.40 -11.77 -12.35
N LEU C 127 32.07 -12.74 -11.73
CA LEU C 127 33.48 -12.57 -11.41
C LEU C 127 34.35 -12.61 -12.67
N LYS C 128 33.98 -13.42 -13.66
CA LYS C 128 34.77 -13.49 -14.89
C LYS C 128 34.60 -12.26 -15.76
N CYS C 129 33.49 -11.53 -15.60
CA CYS C 129 33.19 -10.37 -16.44
C CYS C 129 32.33 -9.39 -15.66
N PRO C 130 32.94 -8.67 -14.70
CA PRO C 130 32.14 -7.81 -13.82
C PRO C 130 31.56 -6.58 -14.50
N SER C 131 32.05 -6.23 -15.69
CA SER C 131 31.42 -5.14 -16.43
C SER C 131 29.95 -5.45 -16.72
N LEU C 132 29.62 -6.72 -16.92
CA LEU C 132 28.26 -7.14 -17.18
C LEU C 132 27.53 -7.63 -15.93
N ALA C 133 28.21 -7.70 -14.78
CA ALA C 133 27.59 -8.17 -13.55
C ALA C 133 26.37 -7.32 -13.21
N GLY C 134 25.22 -7.98 -13.15
CA GLY C 134 23.95 -7.31 -12.94
C GLY C 134 23.20 -6.95 -14.20
N LYS C 135 23.70 -7.33 -15.36
CA LYS C 135 23.08 -7.06 -16.64
C LYS C 135 22.65 -8.34 -17.33
N PRO C 136 21.67 -8.28 -18.23
CA PRO C 136 21.25 -9.49 -18.94
C PRO C 136 22.37 -10.05 -19.80
N LYS C 137 22.51 -11.37 -19.75
CA LYS C 137 23.45 -12.10 -20.61
C LYS C 137 22.65 -13.15 -21.35
N VAL C 138 22.58 -13.01 -22.68
CA VAL C 138 21.68 -13.80 -23.51
C VAL C 138 22.51 -14.67 -24.43
N PHE C 139 22.15 -15.95 -24.52
CA PHE C 139 22.85 -16.92 -25.35
C PHE C 139 21.85 -17.71 -26.17
N PHE C 140 21.90 -17.55 -27.50
CA PHE C 140 21.05 -18.29 -28.42
C PHE C 140 21.90 -19.34 -29.14
N ILE C 141 21.42 -20.58 -29.16
CA ILE C 141 22.17 -21.69 -29.76
C ILE C 141 21.20 -22.57 -30.54
N GLN C 142 21.44 -22.71 -31.84
CA GLN C 142 20.74 -23.67 -32.70
C GLN C 142 21.76 -24.70 -33.14
N ALA C 143 21.58 -25.94 -32.69
CA ALA C 143 22.62 -26.97 -32.78
C ALA C 143 22.07 -28.18 -33.53
N CYS C 144 22.04 -28.09 -34.85
CA CYS C 144 21.58 -29.19 -35.69
C CYS C 144 22.78 -29.94 -36.28
N PRO C 172 28.56 -32.76 -13.51
CA PRO C 172 29.25 -31.64 -14.16
C PRO C 172 28.73 -31.41 -15.57
N GLN C 173 28.35 -32.49 -16.23
CA GLN C 173 27.72 -32.45 -17.54
C GLN C 173 26.23 -32.16 -17.46
N THR C 174 25.69 -32.12 -16.24
CA THR C 174 24.32 -31.65 -16.05
C THR C 174 24.20 -30.17 -16.36
N ARG C 175 25.24 -29.39 -16.05
CA ARG C 175 25.16 -27.95 -16.13
C ARG C 175 25.20 -27.48 -17.59
N TYR C 176 24.28 -26.58 -17.93
CA TYR C 176 24.26 -25.92 -19.23
C TYR C 176 24.52 -24.43 -19.12
N ILE C 177 24.64 -23.91 -17.91
CA ILE C 177 24.59 -22.47 -17.65
C ILE C 177 24.97 -22.26 -16.20
N PRO C 178 25.82 -21.28 -15.89
CA PRO C 178 26.18 -21.04 -14.49
C PRO C 178 24.95 -20.64 -13.68
N ASP C 179 25.02 -20.90 -12.38
CA ASP C 179 23.90 -20.61 -11.50
C ASP C 179 23.90 -19.17 -11.00
N GLU C 180 24.72 -18.30 -11.57
CA GLU C 180 24.62 -16.88 -11.29
C GLU C 180 23.32 -16.32 -11.85
N ALA C 181 22.87 -15.21 -11.24
CA ALA C 181 21.67 -14.56 -11.72
C ALA C 181 21.94 -13.86 -13.05
N ASP C 182 20.87 -13.35 -13.67
CA ASP C 182 20.95 -12.53 -14.87
C ASP C 182 21.53 -13.29 -16.06
N PHE C 183 21.01 -14.50 -16.27
CA PHE C 183 21.41 -15.34 -17.38
C PHE C 183 20.19 -15.83 -18.13
N LEU C 184 20.28 -15.87 -19.44
CA LEU C 184 19.23 -16.40 -20.27
C LEU C 184 19.86 -17.23 -21.36
N LEU C 185 19.35 -18.43 -21.58
CA LEU C 185 19.84 -19.26 -22.65
C LEU C 185 18.67 -19.82 -23.38
N GLY C 186 18.54 -19.57 -24.66
CA GLY C 186 17.44 -20.14 -25.42
C GLY C 186 18.12 -21.09 -26.38
N MET C 187 17.97 -22.37 -26.15
CA MET C 187 18.66 -23.34 -26.96
C MET C 187 17.72 -24.20 -27.73
N ALA C 188 18.14 -24.60 -28.91
CA ALA C 188 17.30 -25.43 -29.75
C ALA C 188 18.14 -26.49 -30.47
N THR C 189 17.51 -27.52 -31.00
CA THR C 189 18.23 -28.55 -31.73
C THR C 189 17.33 -29.16 -32.82
N TRP C 204 10.99 -23.76 -39.07
CA TRP C 204 12.28 -23.23 -38.63
C TRP C 204 12.12 -22.47 -37.32
N TYR C 205 13.22 -22.33 -36.57
CA TYR C 205 13.19 -21.78 -35.23
C TYR C 205 13.93 -20.45 -35.12
N ILE C 206 15.19 -20.38 -35.55
CA ILE C 206 15.90 -19.10 -35.56
C ILE C 206 15.15 -18.10 -36.42
N GLN C 207 14.56 -18.58 -37.52
CA GLN C 207 13.64 -17.74 -38.28
C GLN C 207 12.43 -17.35 -37.44
N SER C 208 11.92 -18.29 -36.64
CA SER C 208 10.76 -17.98 -35.81
C SER C 208 11.13 -17.11 -34.61
N LEU C 209 12.36 -17.24 -34.10
CA LEU C 209 12.80 -16.34 -33.04
C LEU C 209 12.89 -14.91 -33.55
N CYS C 210 13.39 -14.73 -34.77
CA CYS C 210 13.49 -13.37 -35.32
C CYS C 210 12.13 -12.85 -35.78
N GLN C 211 11.31 -13.72 -36.38
CA GLN C 211 9.98 -13.30 -36.82
C GLN C 211 9.12 -12.82 -35.67
N SER C 212 9.43 -13.23 -34.44
CA SER C 212 8.68 -12.78 -33.27
C SER C 212 9.34 -11.59 -32.58
N LEU C 213 10.67 -11.59 -32.49
CA LEU C 213 11.37 -10.47 -31.85
C LEU C 213 11.09 -9.17 -32.59
N ARG C 214 11.33 -9.14 -33.90
CA ARG C 214 11.02 -7.94 -34.68
C ARG C 214 9.56 -7.54 -34.54
N GLU C 215 8.68 -8.51 -34.30
CA GLU C 215 7.26 -8.23 -34.15
C GLU C 215 6.96 -7.62 -32.78
N ARG C 216 7.12 -8.41 -31.72
CA ARG C 216 6.63 -8.03 -30.41
C ARG C 216 7.53 -7.03 -29.68
N SER C 217 8.78 -6.83 -30.14
CA SER C 217 9.69 -5.96 -29.41
C SER C 217 9.27 -4.49 -29.52
N PRO C 218 8.80 -4.00 -30.67
CA PRO C 218 8.19 -2.66 -30.69
C PRO C 218 7.07 -2.51 -29.66
N ARG C 219 6.10 -3.42 -29.65
CA ARG C 219 5.04 -3.41 -28.65
C ARG C 219 5.58 -3.65 -27.24
N GLY C 220 6.87 -3.90 -27.08
CA GLY C 220 7.47 -4.04 -25.76
C GLY C 220 7.11 -5.31 -25.02
N ASP C 221 7.11 -6.45 -25.70
CA ASP C 221 6.77 -7.71 -25.07
C ASP C 221 7.99 -8.34 -24.42
N ASP C 222 7.75 -9.03 -23.30
CA ASP C 222 8.82 -9.65 -22.54
C ASP C 222 9.49 -10.75 -23.36
N ILE C 223 10.78 -10.98 -23.07
CA ILE C 223 11.56 -11.96 -23.81
C ILE C 223 10.98 -13.36 -23.62
N LEU C 224 10.53 -13.68 -22.40
CA LEU C 224 9.95 -14.99 -22.16
C LEU C 224 8.65 -15.16 -22.93
N THR C 225 7.90 -14.07 -23.12
CA THR C 225 6.74 -14.13 -24.00
C THR C 225 7.16 -14.46 -25.43
N ILE C 226 8.28 -13.88 -25.89
CA ILE C 226 8.79 -14.20 -27.21
C ILE C 226 9.08 -15.69 -27.31
N LEU C 227 9.78 -16.24 -26.31
CA LEU C 227 10.21 -17.63 -26.38
C LEU C 227 9.03 -18.59 -26.30
N THR C 228 8.00 -18.24 -25.55
CA THR C 228 6.78 -19.05 -25.56
C THR C 228 6.09 -18.99 -26.92
N GLU C 229 5.92 -17.79 -27.46
CA GLU C 229 5.37 -17.66 -28.80
C GLU C 229 6.22 -18.39 -29.82
N VAL C 230 7.55 -18.27 -29.70
CA VAL C 230 8.45 -19.05 -30.54
C VAL C 230 8.20 -20.54 -30.33
N ASN C 231 8.05 -20.95 -29.07
CA ASN C 231 7.84 -22.36 -28.77
C ASN C 231 6.53 -22.87 -29.34
N TYR C 232 5.50 -22.01 -29.41
CA TYR C 232 4.26 -22.40 -30.06
C TYR C 232 4.50 -22.71 -31.54
N GLU C 233 5.14 -21.79 -32.25
CA GLU C 233 5.26 -21.89 -33.70
C GLU C 233 5.90 -23.20 -34.14
N VAL C 234 6.82 -23.74 -33.34
CA VAL C 234 7.50 -24.98 -33.69
C VAL C 234 6.73 -26.17 -33.14
N SER C 235 5.56 -26.46 -33.73
CA SER C 235 4.73 -27.57 -33.30
C SER C 235 3.90 -28.12 -34.44
N GLN C 246 11.48 -33.07 -30.83
CA GLN C 246 11.68 -31.71 -31.33
C GLN C 246 11.04 -30.68 -30.40
N MET C 247 11.85 -29.70 -29.95
CA MET C 247 11.43 -28.58 -29.12
C MET C 247 12.65 -27.81 -28.62
N PRO C 248 12.50 -26.52 -28.32
CA PRO C 248 13.53 -25.81 -27.54
C PRO C 248 13.30 -25.98 -26.05
N GLN C 249 14.28 -25.52 -25.27
CA GLN C 249 14.24 -25.63 -23.81
C GLN C 249 14.92 -24.42 -23.19
N PRO C 250 14.25 -23.27 -23.18
CA PRO C 250 14.85 -22.08 -22.57
C PRO C 250 15.01 -22.18 -21.06
N THR C 251 16.26 -22.26 -20.61
CA THR C 251 16.59 -22.02 -19.21
C THR C 251 16.91 -20.54 -19.04
N PHE C 252 16.65 -20.01 -17.84
CA PHE C 252 16.89 -18.59 -17.61
C PHE C 252 17.04 -18.34 -16.12
N THR C 253 17.91 -17.38 -15.79
CA THR C 253 18.12 -16.93 -14.41
C THR C 253 17.95 -15.42 -14.32
N LEU C 254 17.01 -14.87 -15.09
CA LEU C 254 16.82 -13.43 -15.14
C LEU C 254 16.08 -12.93 -13.91
N ARG C 255 16.55 -11.81 -13.36
CA ARG C 255 15.98 -11.23 -12.16
C ARG C 255 14.80 -10.32 -12.47
N LYS C 256 14.99 -9.36 -13.36
CA LYS C 256 13.91 -8.51 -13.86
C LYS C 256 13.47 -9.03 -15.22
N LYS C 257 12.57 -8.30 -15.87
CA LYS C 257 12.03 -8.71 -17.16
C LYS C 257 12.74 -7.96 -18.28
N LEU C 258 12.94 -8.65 -19.41
CA LEU C 258 13.85 -8.21 -20.46
C LEU C 258 13.07 -7.95 -21.73
N VAL C 259 13.20 -6.74 -22.27
CA VAL C 259 12.60 -6.38 -23.54
C VAL C 259 13.53 -5.41 -24.25
N PHE C 260 13.59 -5.52 -25.57
CA PHE C 260 14.48 -4.70 -26.38
C PHE C 260 13.71 -3.56 -27.04
N PRO C 261 13.69 -2.38 -26.43
CA PRO C 261 12.85 -1.28 -26.94
C PRO C 261 13.32 -0.84 -28.32
N SER C 262 12.41 -0.95 -29.30
CA SER C 262 12.80 -0.91 -30.71
C SER C 262 13.52 0.38 -31.09
N ASP C 263 13.14 1.51 -30.49
CA ASP C 263 13.70 2.79 -30.90
C ASP C 263 14.28 3.56 -29.72
N LEU D 6 -5.25 -11.87 -30.77
CA LEU D 6 -5.26 -13.16 -30.09
C LEU D 6 -3.90 -13.47 -29.45
N ASP D 7 -3.92 -13.67 -28.14
CA ASP D 7 -2.79 -14.23 -27.42
C ASP D 7 -3.15 -15.62 -26.90
N LYS D 8 -2.12 -16.44 -26.68
CA LYS D 8 -2.29 -17.84 -26.32
C LYS D 8 -2.08 -18.03 -24.82
N VAL D 9 -3.07 -18.62 -24.16
CA VAL D 9 -2.97 -18.98 -22.74
C VAL D 9 -3.57 -20.38 -22.58
N TYR D 10 -2.90 -21.22 -21.78
CA TYR D 10 -3.43 -22.54 -21.48
C TYR D 10 -4.77 -22.42 -20.78
N GLN D 11 -5.75 -23.19 -21.23
CA GLN D 11 -7.06 -23.15 -20.59
C GLN D 11 -6.96 -23.71 -19.18
N MET D 12 -7.34 -22.89 -18.20
CA MET D 12 -7.30 -23.27 -16.79
C MET D 12 -8.68 -22.98 -16.18
N LYS D 13 -9.69 -23.71 -16.69
CA LYS D 13 -11.07 -23.52 -16.25
C LYS D 13 -11.55 -24.61 -15.30
N SER D 14 -10.92 -25.79 -15.32
CA SER D 14 -11.42 -26.91 -14.55
C SER D 14 -11.45 -26.60 -13.05
N LYS D 15 -12.41 -27.20 -12.38
CA LYS D 15 -12.49 -27.18 -10.92
C LYS D 15 -12.77 -28.60 -10.45
N PRO D 16 -11.79 -29.31 -9.88
CA PRO D 16 -10.42 -28.83 -9.67
C PRO D 16 -9.61 -28.76 -10.96
N ARG D 17 -8.76 -27.73 -11.07
CA ARG D 17 -7.98 -27.53 -12.29
C ARG D 17 -7.11 -28.74 -12.59
N GLY D 18 -6.47 -29.29 -11.57
CA GLY D 18 -5.66 -30.48 -11.70
C GLY D 18 -5.34 -31.05 -10.35
N TYR D 19 -4.39 -31.98 -10.33
CA TYR D 19 -3.81 -32.43 -9.07
C TYR D 19 -2.50 -31.71 -8.82
N CYS D 20 -2.22 -31.45 -7.56
CA CYS D 20 -0.96 -30.86 -7.13
C CYS D 20 -0.28 -31.84 -6.19
N LEU D 21 0.70 -32.57 -6.71
CA LEU D 21 1.45 -33.50 -5.88
C LEU D 21 2.38 -32.73 -4.94
N ILE D 22 2.56 -33.28 -3.74
CA ILE D 22 3.51 -32.74 -2.79
C ILE D 22 4.24 -33.89 -2.11
N ILE D 23 5.44 -34.20 -2.60
CA ILE D 23 6.33 -35.13 -1.91
C ILE D 23 7.15 -34.32 -0.92
N ASN D 24 7.29 -34.85 0.30
CA ASN D 24 7.87 -34.11 1.40
C ASN D 24 8.74 -35.06 2.22
N ASN D 25 10.04 -34.78 2.28
CA ASN D 25 10.99 -35.68 2.93
C ASN D 25 11.51 -35.03 4.21
N HIS D 26 11.08 -35.56 5.34
CA HIS D 26 11.51 -35.08 6.66
C HIS D 26 12.64 -35.95 7.21
N ASN D 27 12.32 -37.20 7.51
CA ASN D 27 13.19 -38.09 8.28
C ASN D 27 14.07 -38.89 7.32
N PHE D 28 15.38 -38.65 7.36
CA PHE D 28 16.34 -39.33 6.52
C PHE D 28 17.11 -40.40 7.31
N ALA D 29 16.39 -41.15 8.14
CA ALA D 29 17.02 -42.13 9.02
C ALA D 29 17.62 -43.29 8.22
N LYS D 30 16.78 -44.00 7.46
CA LYS D 30 17.26 -45.15 6.70
C LYS D 30 18.37 -44.76 5.74
N ALA D 31 18.37 -43.53 5.25
CA ALA D 31 19.49 -43.03 4.47
C ALA D 31 20.78 -43.14 5.25
N ARG D 32 20.77 -42.70 6.51
CA ARG D 32 21.95 -42.81 7.36
C ARG D 32 22.29 -44.27 7.66
N GLU D 33 21.28 -45.12 7.78
CA GLU D 33 21.48 -46.54 8.06
C GLU D 33 22.18 -47.23 6.89
N LYS D 34 21.50 -47.33 5.76
CA LYS D 34 21.96 -48.23 4.70
C LYS D 34 23.21 -47.69 4.00
N VAL D 35 23.18 -46.44 3.57
CA VAL D 35 24.24 -45.90 2.73
C VAL D 35 25.40 -45.38 3.58
N PRO D 36 26.64 -45.73 3.25
CA PRO D 36 27.78 -45.15 3.96
C PRO D 36 28.10 -43.73 3.51
N LYS D 37 27.91 -43.48 2.23
CA LYS D 37 28.25 -42.20 1.66
C LYS D 37 27.46 -41.09 2.30
N LEU D 38 26.19 -41.32 2.60
CA LEU D 38 25.39 -40.26 3.20
C LEU D 38 25.92 -39.88 4.56
N HIS D 39 26.35 -40.84 5.34
CA HIS D 39 26.93 -40.55 6.65
C HIS D 39 25.83 -39.86 7.43
N SER D 40 26.10 -38.68 7.94
CA SER D 40 25.16 -37.93 8.69
C SER D 40 24.62 -37.01 7.66
N ILE D 41 23.46 -37.35 7.17
CA ILE D 41 22.78 -36.54 6.22
C ILE D 41 21.62 -36.07 7.04
N ARG D 42 21.54 -34.78 7.24
CA ARG D 42 20.74 -34.28 8.30
C ARG D 42 19.31 -34.22 7.88
N ASP D 43 18.42 -34.73 8.70
CA ASP D 43 17.03 -34.73 8.35
C ASP D 43 16.71 -33.25 8.19
N ARG D 44 16.07 -32.89 7.09
CA ARG D 44 15.80 -31.49 6.75
C ARG D 44 14.58 -31.03 7.55
N ASN D 45 14.82 -30.27 8.60
CA ASN D 45 13.76 -29.83 9.50
C ASN D 45 13.11 -28.56 8.98
N GLY D 46 11.81 -28.42 9.25
CA GLY D 46 11.06 -27.30 8.74
C GLY D 46 10.57 -27.47 7.32
N THR D 47 10.60 -28.70 6.80
CA THR D 47 10.08 -28.94 5.46
C THR D 47 8.57 -28.76 5.40
N HIS D 48 7.89 -28.82 6.55
CA HIS D 48 6.45 -28.57 6.58
C HIS D 48 6.13 -27.12 6.24
N LEU D 49 7.00 -26.18 6.61
CA LEU D 49 6.81 -24.77 6.26
C LEU D 49 6.56 -24.61 4.77
N ASP D 50 7.48 -25.14 3.96
CA ASP D 50 7.27 -25.17 2.51
C ASP D 50 6.02 -25.96 2.16
N ALA D 51 5.89 -27.16 2.72
CA ALA D 51 4.85 -28.09 2.30
C ALA D 51 3.46 -27.51 2.50
N GLY D 52 3.23 -26.85 3.64
CA GLY D 52 1.95 -26.23 3.92
C GLY D 52 1.70 -25.01 3.06
N ALA D 53 2.73 -24.17 2.91
CA ALA D 53 2.64 -23.04 1.98
C ALA D 53 2.30 -23.52 0.58
N LEU D 54 2.89 -24.64 0.17
CA LEU D 54 2.49 -25.28 -1.09
C LEU D 54 1.02 -25.67 -1.05
N THR D 55 0.62 -26.37 0.01
CA THR D 55 -0.76 -26.83 0.11
C THR D 55 -1.73 -25.65 0.13
N THR D 56 -1.46 -24.66 0.99
CA THR D 56 -2.28 -23.45 1.03
C THR D 56 -2.43 -22.88 -0.37
N THR D 57 -1.31 -22.57 -1.03
CA THR D 57 -1.32 -21.92 -2.32
C THR D 57 -2.24 -22.61 -3.32
N PHE D 58 -2.00 -23.91 -3.56
CA PHE D 58 -2.68 -24.59 -4.64
C PHE D 58 -4.06 -25.11 -4.24
N GLU D 59 -4.28 -25.36 -2.95
CA GLU D 59 -5.64 -25.59 -2.48
C GLU D 59 -6.46 -24.32 -2.60
N GLU D 60 -5.93 -23.20 -2.13
CA GLU D 60 -6.50 -21.89 -2.39
C GLU D 60 -6.55 -21.57 -3.88
N LEU D 61 -5.82 -22.33 -4.71
CA LEU D 61 -5.96 -22.22 -6.15
C LEU D 61 -6.50 -23.53 -6.71
N HIS D 62 -7.54 -24.07 -6.08
CA HIS D 62 -8.43 -25.05 -6.72
C HIS D 62 -7.68 -26.28 -7.26
N PHE D 63 -6.70 -26.77 -6.50
CA PHE D 63 -5.99 -27.98 -6.87
C PHE D 63 -6.23 -29.05 -5.80
N GLU D 64 -6.48 -30.27 -6.25
CA GLU D 64 -6.57 -31.39 -5.30
C GLU D 64 -5.18 -31.68 -4.78
N ILE D 65 -4.88 -31.17 -3.58
CA ILE D 65 -3.61 -31.41 -2.92
C ILE D 65 -3.50 -32.89 -2.60
N LYS D 66 -2.61 -33.60 -3.30
CA LYS D 66 -2.34 -35.01 -3.04
C LYS D 66 -0.95 -35.15 -2.46
N PRO D 67 -0.79 -34.96 -1.14
CA PRO D 67 0.54 -34.99 -0.53
C PRO D 67 0.96 -36.36 -0.05
N HIS D 68 2.27 -36.60 -0.12
CA HIS D 68 2.96 -37.76 0.40
C HIS D 68 4.19 -37.28 1.18
N ASP D 69 4.63 -38.07 2.17
CA ASP D 69 5.72 -37.65 3.04
C ASP D 69 6.66 -38.82 3.36
N ASP D 70 7.96 -38.51 3.40
CA ASP D 70 9.02 -39.47 3.75
C ASP D 70 9.01 -40.69 2.83
N CYS D 71 8.96 -40.41 1.54
CA CYS D 71 8.91 -41.45 0.51
C CYS D 71 10.32 -41.81 0.06
N THR D 72 10.59 -43.10 -0.03
CA THR D 72 11.86 -43.56 -0.56
C THR D 72 11.87 -43.45 -2.08
N VAL D 73 13.03 -43.75 -2.67
CA VAL D 73 13.13 -43.76 -4.12
C VAL D 73 12.07 -44.66 -4.73
N GLU D 74 11.75 -45.77 -4.06
CA GLU D 74 10.84 -46.75 -4.63
C GLU D 74 9.40 -46.25 -4.62
N GLN D 75 8.92 -45.79 -3.47
CA GLN D 75 7.57 -45.25 -3.36
C GLN D 75 7.37 -44.10 -4.35
N ILE D 76 8.36 -43.20 -4.46
CA ILE D 76 8.27 -42.08 -5.40
C ILE D 76 7.90 -42.59 -6.79
N TYR D 77 8.54 -43.66 -7.24
CA TYR D 77 8.22 -44.23 -8.54
C TYR D 77 6.84 -44.88 -8.51
N GLU D 78 6.56 -45.69 -7.48
CA GLU D 78 5.22 -46.27 -7.33
C GLU D 78 4.14 -45.20 -7.22
N ILE D 79 4.50 -43.97 -6.87
CA ILE D 79 3.54 -42.89 -6.70
C ILE D 79 3.25 -42.21 -8.03
N LEU D 80 4.30 -41.73 -8.70
CA LEU D 80 4.09 -41.05 -9.97
C LEU D 80 3.45 -41.98 -11.00
N LYS D 81 3.79 -43.27 -10.95
CA LYS D 81 3.19 -44.24 -11.85
C LYS D 81 1.68 -44.27 -11.71
N ILE D 82 1.18 -44.10 -10.49
CA ILE D 82 -0.26 -43.94 -10.28
C ILE D 82 -0.76 -42.72 -11.06
N TYR D 83 -0.10 -41.58 -10.88
CA TYR D 83 -0.53 -40.36 -11.54
C TYR D 83 -0.10 -40.28 -12.99
N GLN D 84 0.88 -41.11 -13.39
CA GLN D 84 1.16 -41.26 -14.81
C GLN D 84 0.03 -42.00 -15.51
N LEU D 85 -0.52 -43.02 -14.86
CA LEU D 85 -1.54 -43.86 -15.47
C LEU D 85 -2.97 -43.39 -15.16
N MET D 86 -3.12 -42.34 -14.36
CA MET D 86 -4.43 -41.80 -14.08
C MET D 86 -5.08 -41.24 -15.36
N ASP D 87 -6.33 -40.81 -15.22
CA ASP D 87 -7.05 -40.15 -16.31
C ASP D 87 -7.26 -38.70 -15.92
N HIS D 88 -6.49 -37.80 -16.55
CA HIS D 88 -6.59 -36.37 -16.30
C HIS D 88 -7.41 -35.64 -17.36
N SER D 89 -8.18 -36.38 -18.17
CA SER D 89 -8.90 -35.74 -19.28
C SER D 89 -10.05 -34.85 -18.83
N ASN D 90 -10.25 -34.64 -17.53
CA ASN D 90 -11.17 -33.63 -17.03
C ASN D 90 -10.44 -32.52 -16.28
N MET D 91 -9.10 -32.53 -16.31
CA MET D 91 -8.30 -31.50 -15.68
C MET D 91 -7.76 -30.54 -16.72
N ASP D 92 -7.05 -29.52 -16.26
CA ASP D 92 -6.47 -28.50 -17.13
C ASP D 92 -4.98 -28.32 -16.94
N CYS D 93 -4.37 -28.97 -15.97
CA CYS D 93 -2.98 -28.77 -15.60
C CYS D 93 -2.61 -29.85 -14.59
N PHE D 94 -1.32 -29.94 -14.29
CA PHE D 94 -0.84 -30.90 -13.30
C PHE D 94 0.46 -30.39 -12.72
N ILE D 95 0.57 -30.40 -11.40
CA ILE D 95 1.72 -29.87 -10.69
C ILE D 95 2.32 -30.98 -9.83
N CYS D 96 3.64 -31.09 -9.88
CA CYS D 96 4.38 -31.97 -8.98
C CYS D 96 5.36 -31.14 -8.18
N CYS D 97 5.41 -31.40 -6.88
CA CYS D 97 6.33 -30.71 -5.98
C CYS D 97 7.13 -31.74 -5.20
N ILE D 98 8.42 -31.44 -4.98
CA ILE D 98 9.32 -32.35 -4.30
C ILE D 98 10.21 -31.55 -3.37
N LEU D 99 10.31 -32.00 -2.11
CA LEU D 99 11.13 -31.38 -1.08
C LEU D 99 12.05 -32.45 -0.51
N SER D 100 13.32 -32.43 -0.91
CA SER D 100 14.24 -33.50 -0.52
C SER D 100 15.67 -33.00 -0.67
N HIS D 101 16.57 -33.93 -0.49
CA HIS D 101 17.95 -33.70 -0.65
C HIS D 101 18.29 -34.21 -2.02
N GLY D 102 19.05 -33.42 -2.75
CA GLY D 102 19.52 -33.75 -4.07
C GLY D 102 20.80 -33.00 -4.38
N ASP D 103 21.55 -33.47 -5.35
CA ASP D 103 22.52 -32.63 -6.04
C ASP D 103 22.76 -33.11 -7.43
N LYS D 104 23.19 -32.22 -8.31
CA LYS D 104 23.52 -32.55 -9.69
C LYS D 104 22.44 -33.30 -10.43
N GLY D 105 21.25 -32.73 -10.52
CA GLY D 105 20.19 -33.42 -11.21
C GLY D 105 19.78 -34.74 -10.63
N ILE D 106 19.58 -34.82 -9.33
CA ILE D 106 19.20 -36.06 -8.69
C ILE D 106 18.37 -35.81 -7.45
N ILE D 107 17.60 -36.78 -6.98
CA ILE D 107 16.79 -36.63 -5.78
C ILE D 107 16.90 -37.89 -4.94
N TYR D 108 17.25 -37.72 -3.66
CA TYR D 108 17.31 -38.85 -2.75
C TYR D 108 15.92 -39.15 -2.17
N GLY D 109 15.67 -40.43 -1.90
CA GLY D 109 14.49 -40.83 -1.17
C GLY D 109 14.71 -40.65 0.31
N THR D 110 13.94 -41.40 1.11
CA THR D 110 14.24 -41.49 2.53
C THR D 110 15.43 -42.42 2.77
N ASP D 111 15.53 -43.49 2.00
CA ASP D 111 16.83 -44.09 1.77
C ASP D 111 17.68 -43.16 0.92
N GLY D 112 18.98 -43.37 0.92
CA GLY D 112 19.85 -42.48 0.19
C GLY D 112 19.92 -42.75 -1.30
N GLN D 113 18.86 -43.33 -1.86
CA GLN D 113 18.91 -43.82 -3.22
C GLN D 113 18.66 -42.70 -4.22
N GLU D 114 19.47 -42.69 -5.27
CA GLU D 114 19.48 -41.65 -6.29
C GLU D 114 18.18 -41.70 -7.10
N ALA D 115 17.83 -40.57 -7.71
CA ALA D 115 16.67 -40.51 -8.60
C ALA D 115 16.79 -39.34 -9.56
N PRO D 116 17.03 -39.60 -10.84
CA PRO D 116 17.28 -38.50 -11.80
C PRO D 116 16.06 -37.62 -11.99
N ILE D 117 16.26 -36.29 -11.92
CA ILE D 117 15.18 -35.35 -12.26
C ILE D 117 14.51 -35.73 -13.57
N TYR D 118 15.29 -36.19 -14.54
CA TYR D 118 14.70 -36.59 -15.81
C TYR D 118 13.69 -37.71 -15.62
N GLU D 119 14.15 -38.85 -15.09
CA GLU D 119 13.36 -40.08 -15.00
C GLU D 119 12.01 -39.92 -14.31
N LEU D 120 11.73 -38.75 -13.75
CA LEU D 120 10.45 -38.45 -13.12
C LEU D 120 9.59 -37.58 -14.02
N THR D 121 10.09 -36.41 -14.42
CA THR D 121 9.47 -35.65 -15.49
C THR D 121 9.29 -36.50 -16.75
N SER D 122 10.15 -37.50 -16.93
CA SER D 122 10.22 -38.24 -18.19
C SER D 122 8.94 -39.02 -18.50
N GLN D 123 8.08 -39.28 -17.52
CA GLN D 123 6.96 -40.19 -17.73
C GLN D 123 5.60 -39.51 -17.65
N PHE D 124 5.54 -38.19 -17.73
CA PHE D 124 4.27 -37.47 -17.86
C PHE D 124 4.13 -36.88 -19.25
N THR D 125 4.70 -37.56 -20.24
CA THR D 125 4.77 -37.10 -21.62
C THR D 125 3.45 -37.27 -22.35
N GLY D 126 3.50 -37.30 -23.68
CA GLY D 126 2.31 -37.51 -24.48
C GLY D 126 1.96 -38.97 -24.59
N LEU D 127 2.96 -39.82 -24.80
CA LEU D 127 2.74 -41.26 -24.85
C LEU D 127 2.36 -41.80 -23.48
N LYS D 128 3.28 -41.66 -22.52
CA LYS D 128 3.10 -42.30 -21.21
C LYS D 128 1.90 -41.77 -20.45
N CYS D 129 1.42 -40.57 -20.77
CA CYS D 129 0.24 -40.01 -20.12
C CYS D 129 -0.57 -39.27 -21.16
N PRO D 130 -1.34 -40.00 -21.98
CA PRO D 130 -2.11 -39.34 -23.04
C PRO D 130 -3.21 -38.43 -22.50
N SER D 131 -3.66 -38.67 -21.26
CA SER D 131 -4.75 -37.88 -20.73
C SER D 131 -4.36 -36.42 -20.56
N LEU D 132 -3.08 -36.18 -20.21
CA LEU D 132 -2.60 -34.83 -19.96
C LEU D 132 -1.98 -34.17 -21.19
N ALA D 133 -1.89 -34.87 -22.32
CA ALA D 133 -1.23 -34.36 -23.50
C ALA D 133 -1.75 -32.98 -23.87
N GLY D 134 -0.84 -32.05 -24.13
CA GLY D 134 -1.23 -30.71 -24.51
C GLY D 134 -1.71 -29.84 -23.37
N LYS D 135 -1.56 -30.27 -22.13
CA LYS D 135 -1.90 -29.48 -20.97
C LYS D 135 -0.64 -29.19 -20.14
N PRO D 136 -0.69 -28.14 -19.30
CA PRO D 136 0.47 -27.85 -18.45
C PRO D 136 0.87 -29.03 -17.59
N LYS D 137 2.18 -29.29 -17.54
CA LYS D 137 2.78 -30.38 -16.77
C LYS D 137 3.92 -29.77 -15.95
N VAL D 138 3.57 -29.13 -14.84
CA VAL D 138 4.50 -28.28 -14.08
C VAL D 138 5.20 -29.10 -13.01
N PHE D 139 6.42 -28.68 -12.66
CA PHE D 139 7.26 -29.37 -11.70
C PHE D 139 8.02 -28.35 -10.86
N PHE D 140 8.08 -28.60 -9.55
CA PHE D 140 8.85 -27.78 -8.62
C PHE D 140 9.67 -28.68 -7.72
N ILE D 141 10.98 -28.44 -7.65
CA ILE D 141 11.87 -29.24 -6.82
C ILE D 141 12.79 -28.30 -6.04
N GLN D 142 13.13 -28.71 -4.82
CA GLN D 142 14.02 -27.93 -3.94
C GLN D 142 14.99 -28.91 -3.27
N ALA D 143 16.15 -29.10 -3.89
CA ALA D 143 17.16 -30.04 -3.42
C ALA D 143 18.27 -29.31 -2.67
N CYS D 144 18.90 -30.02 -1.73
CA CYS D 144 19.95 -29.45 -0.90
C CYS D 144 21.26 -30.20 -1.07
N GLN D 145 22.36 -29.45 -1.04
CA GLN D 145 23.69 -30.02 -1.21
C GLN D 145 24.53 -29.82 0.04
N GLN D 173 20.73 -36.92 -16.94
CA GLN D 173 22.15 -36.67 -17.21
C GLN D 173 22.34 -35.40 -18.03
N THR D 174 22.26 -35.55 -19.35
CA THR D 174 22.28 -34.43 -20.28
C THR D 174 20.93 -33.75 -20.43
N ARG D 175 19.91 -34.27 -19.75
CA ARG D 175 18.50 -33.97 -20.01
C ARG D 175 17.83 -33.80 -18.66
N TYR D 176 17.08 -32.70 -18.50
CA TYR D 176 16.32 -32.50 -17.26
C TYR D 176 14.84 -32.80 -17.46
N ILE D 177 14.21 -32.18 -18.45
CA ILE D 177 12.81 -32.49 -18.77
C ILE D 177 12.80 -33.15 -20.15
N PRO D 178 11.74 -33.89 -20.50
CA PRO D 178 11.69 -34.50 -21.84
C PRO D 178 11.61 -33.44 -22.92
N ASP D 179 11.80 -33.90 -24.16
CA ASP D 179 11.77 -33.02 -25.33
C ASP D 179 10.36 -32.71 -25.81
N GLU D 180 9.35 -32.97 -24.98
CA GLU D 180 7.97 -32.67 -25.34
C GLU D 180 7.63 -31.24 -24.93
N ALA D 181 6.40 -30.84 -25.23
CA ALA D 181 5.93 -29.49 -24.94
C ALA D 181 5.08 -29.47 -23.67
N ASP D 182 4.82 -28.25 -23.19
CA ASP D 182 3.94 -28.01 -22.04
C ASP D 182 4.55 -28.56 -20.74
N PHE D 183 5.85 -28.42 -20.58
CA PHE D 183 6.53 -28.74 -19.33
C PHE D 183 7.10 -27.48 -18.70
N LEU D 184 7.41 -27.58 -17.41
CA LEU D 184 8.06 -26.49 -16.69
C LEU D 184 8.71 -27.05 -15.45
N LEU D 185 10.01 -26.80 -15.31
CA LEU D 185 10.81 -27.29 -14.18
C LEU D 185 11.29 -26.10 -13.36
N GLY D 186 10.65 -25.86 -12.23
CA GLY D 186 11.06 -24.78 -11.35
C GLY D 186 11.99 -25.27 -10.26
N MET D 187 13.14 -25.81 -10.64
CA MET D 187 14.06 -26.41 -9.70
C MET D 187 15.07 -25.38 -9.18
N ALA D 188 15.66 -25.71 -8.03
CA ALA D 188 16.69 -24.88 -7.41
C ALA D 188 17.44 -25.74 -6.40
N THR D 189 18.75 -25.60 -6.37
CA THR D 189 19.57 -26.34 -5.45
C THR D 189 20.10 -25.38 -4.44
N VAL D 190 20.10 -25.82 -3.20
CA VAL D 190 20.56 -25.04 -2.06
C VAL D 190 21.52 -25.85 -1.20
N ASN D 191 22.11 -25.22 -0.19
CA ASN D 191 23.00 -25.95 0.70
C ASN D 191 22.26 -26.41 1.95
N TRP D 204 13.35 -17.83 1.46
CA TRP D 204 14.03 -18.66 0.46
C TRP D 204 13.17 -18.95 -0.74
N TYR D 205 13.56 -19.96 -1.51
CA TYR D 205 12.87 -20.25 -2.75
C TYR D 205 11.45 -20.68 -2.78
N ILE D 206 11.06 -21.64 -1.98
CA ILE D 206 9.70 -22.10 -2.06
C ILE D 206 8.81 -21.23 -1.29
N GLN D 207 9.34 -20.67 -0.23
CA GLN D 207 8.56 -19.67 0.48
C GLN D 207 8.30 -18.44 -0.38
N SER D 208 9.37 -17.85 -0.92
CA SER D 208 9.19 -16.70 -1.81
C SER D 208 8.58 -17.09 -3.14
N LEU D 209 8.40 -18.38 -3.42
CA LEU D 209 7.61 -18.79 -4.57
C LEU D 209 6.12 -18.68 -4.27
N CYS D 210 5.68 -19.31 -3.18
CA CYS D 210 4.28 -19.17 -2.77
C CYS D 210 3.95 -17.73 -2.41
N GLN D 211 4.87 -17.06 -1.71
CA GLN D 211 4.67 -15.67 -1.32
C GLN D 211 4.22 -14.81 -2.49
N SER D 212 4.85 -15.01 -3.66
CA SER D 212 4.50 -14.28 -4.87
C SER D 212 3.54 -15.04 -5.77
N LEU D 213 3.27 -16.31 -5.47
CA LEU D 213 2.25 -17.05 -6.22
C LEU D 213 0.86 -16.59 -5.85
N ARG D 214 0.55 -16.58 -4.54
CA ARG D 214 -0.72 -16.06 -4.08
C ARG D 214 -0.82 -14.55 -4.23
N GLU D 215 0.30 -13.86 -4.43
CA GLU D 215 0.30 -12.40 -4.41
C GLU D 215 -0.08 -11.80 -5.75
N ARG D 216 0.22 -12.46 -6.87
CA ARG D 216 -0.03 -11.90 -8.20
C ARG D 216 -0.98 -12.72 -9.06
N SER D 217 -0.98 -14.05 -8.97
CA SER D 217 -1.92 -14.84 -9.76
C SER D 217 -3.36 -14.38 -9.59
N PRO D 218 -3.84 -13.97 -8.41
CA PRO D 218 -5.12 -13.26 -8.36
C PRO D 218 -5.15 -12.02 -9.26
N ARG D 219 -4.12 -11.19 -9.19
CA ARG D 219 -4.07 -9.97 -10.00
C ARG D 219 -3.66 -10.27 -11.43
N GLY D 220 -4.06 -11.44 -11.94
CA GLY D 220 -3.88 -11.79 -13.34
C GLY D 220 -2.45 -11.74 -13.86
N ASP D 221 -1.66 -12.75 -13.53
CA ASP D 221 -0.29 -12.85 -14.02
C ASP D 221 0.04 -14.30 -14.32
N ASP D 222 1.03 -14.50 -15.18
CA ASP D 222 1.37 -15.83 -15.67
C ASP D 222 2.49 -16.44 -14.82
N ILE D 223 2.89 -17.65 -15.19
CA ILE D 223 3.87 -18.37 -14.39
C ILE D 223 5.28 -17.86 -14.65
N LEU D 224 5.56 -17.35 -15.84
CA LEU D 224 6.92 -16.91 -16.13
C LEU D 224 7.22 -15.55 -15.53
N THR D 225 6.21 -14.68 -15.42
CA THR D 225 6.41 -13.42 -14.72
C THR D 225 6.67 -13.65 -13.23
N ILE D 226 6.09 -14.71 -12.66
CA ILE D 226 6.28 -14.98 -11.24
C ILE D 226 7.69 -15.48 -10.97
N LEU D 227 8.18 -16.38 -11.83
CA LEU D 227 9.48 -17.01 -11.58
C LEU D 227 10.61 -16.00 -11.55
N THR D 228 10.52 -14.94 -12.36
CA THR D 228 11.58 -13.94 -12.37
C THR D 228 11.62 -13.16 -11.06
N GLU D 229 10.44 -12.82 -10.51
CA GLU D 229 10.42 -12.15 -9.22
C GLU D 229 10.92 -13.07 -8.12
N VAL D 230 10.72 -14.39 -8.27
CA VAL D 230 11.36 -15.34 -7.37
C VAL D 230 12.87 -15.25 -7.50
N ASN D 231 13.37 -15.05 -8.72
CA ASN D 231 14.81 -14.93 -8.92
C ASN D 231 15.35 -13.66 -8.26
N TYR D 232 14.55 -12.59 -8.25
CA TYR D 232 14.97 -11.35 -7.61
C TYR D 232 15.01 -11.51 -6.09
N GLU D 233 13.91 -11.98 -5.49
CA GLU D 233 13.77 -12.06 -4.04
C GLU D 233 14.76 -13.06 -3.42
N VAL D 234 15.53 -13.76 -4.25
CA VAL D 234 16.58 -14.63 -3.76
C VAL D 234 17.91 -14.22 -4.38
N SER D 235 18.43 -13.07 -3.97
CA SER D 235 19.72 -12.57 -4.43
C SER D 235 20.12 -11.39 -3.57
N ASN D 236 21.37 -10.98 -3.70
CA ASN D 236 21.95 -9.94 -2.85
C ASN D 236 21.83 -8.56 -3.47
N GLN D 246 21.89 -21.92 -4.86
CA GLN D 246 21.99 -20.58 -5.43
C GLN D 246 20.64 -20.13 -5.98
N MET D 247 20.58 -19.93 -7.29
CA MET D 247 19.48 -19.42 -8.09
C MET D 247 18.68 -20.57 -8.67
N PRO D 248 17.36 -20.44 -8.75
CA PRO D 248 16.57 -21.40 -9.52
C PRO D 248 16.89 -21.24 -11.00
N GLN D 249 16.83 -22.38 -11.71
CA GLN D 249 17.09 -22.44 -13.14
C GLN D 249 15.83 -22.94 -13.83
N PRO D 250 14.82 -22.08 -13.97
CA PRO D 250 13.58 -22.49 -14.64
C PRO D 250 13.85 -22.90 -16.09
N THR D 251 13.50 -24.14 -16.41
CA THR D 251 13.46 -24.62 -17.78
C THR D 251 12.01 -24.87 -18.16
N PHE D 252 11.61 -24.36 -19.32
CA PHE D 252 10.23 -24.49 -19.76
C PHE D 252 10.19 -24.81 -21.23
N THR D 253 9.12 -25.48 -21.64
CA THR D 253 8.83 -25.74 -23.04
C THR D 253 7.37 -25.49 -23.35
N LEU D 254 6.76 -24.56 -22.62
CA LEU D 254 5.36 -24.23 -22.84
C LEU D 254 5.17 -23.58 -24.21
N ARG D 255 3.97 -23.76 -24.76
CA ARG D 255 3.60 -23.13 -26.02
C ARG D 255 2.72 -21.91 -25.82
N LYS D 256 1.76 -21.99 -24.90
CA LYS D 256 0.93 -20.85 -24.55
C LYS D 256 1.47 -20.19 -23.28
N LYS D 257 0.64 -19.39 -22.63
CA LYS D 257 1.02 -18.65 -21.42
C LYS D 257 0.22 -19.20 -20.25
N LEU D 258 0.90 -19.91 -19.35
CA LEU D 258 0.23 -20.56 -18.22
C LEU D 258 -0.14 -19.53 -17.16
N VAL D 259 -1.41 -19.53 -16.76
CA VAL D 259 -1.91 -18.71 -15.66
C VAL D 259 -2.76 -19.59 -14.76
N PHE D 260 -2.73 -19.30 -13.46
CA PHE D 260 -3.55 -20.01 -12.49
C PHE D 260 -4.66 -19.09 -12.00
N PRO D 261 -5.80 -19.01 -12.70
CA PRO D 261 -6.81 -18.00 -12.37
C PRO D 261 -7.39 -18.19 -10.97
N SER D 262 -7.93 -17.10 -10.43
CA SER D 262 -8.39 -17.02 -9.05
C SER D 262 -9.87 -16.66 -9.03
N ASP D 263 -10.73 -17.63 -8.73
CA ASP D 263 -12.16 -17.38 -8.60
C ASP D 263 -12.50 -16.96 -7.19
N ASP E 7 -12.78 6.24 -25.41
CA ASP E 7 -12.89 5.02 -26.18
C ASP E 7 -14.15 4.24 -25.85
N LYS E 8 -14.72 4.51 -24.69
CA LYS E 8 -15.91 3.81 -24.25
C LYS E 8 -17.09 4.70 -24.42
N VAL E 9 -18.15 4.17 -24.99
CA VAL E 9 -19.37 4.90 -25.23
C VAL E 9 -20.42 4.37 -24.30
N TYR E 10 -21.23 5.25 -23.76
CA TYR E 10 -22.29 4.84 -22.88
C TYR E 10 -23.21 3.99 -23.71
N GLN E 11 -23.59 2.83 -23.21
CA GLN E 11 -24.46 2.01 -23.99
C GLN E 11 -25.74 2.75 -24.12
N MET E 12 -26.23 2.83 -25.33
CA MET E 12 -27.48 3.47 -25.57
C MET E 12 -28.12 2.88 -26.80
N LYS E 13 -28.53 1.63 -26.71
CA LYS E 13 -29.16 0.97 -27.84
C LYS E 13 -30.63 0.66 -27.63
N SER E 14 -31.14 1.01 -26.45
CA SER E 14 -32.51 0.76 -26.10
C SER E 14 -33.43 1.69 -26.84
N LYS E 15 -34.65 1.25 -27.09
CA LYS E 15 -35.67 2.10 -27.69
C LYS E 15 -37.02 1.78 -27.04
N PRO E 16 -37.66 2.76 -26.36
CA PRO E 16 -37.20 4.14 -26.18
C PRO E 16 -35.98 4.25 -25.26
N ARG E 17 -35.05 5.13 -25.64
CA ARG E 17 -33.76 5.21 -24.95
C ARG E 17 -33.95 5.61 -23.49
N GLY E 18 -34.67 6.68 -23.25
CA GLY E 18 -35.01 7.09 -21.92
C GLY E 18 -36.26 7.92 -21.92
N TYR E 19 -36.45 8.69 -20.87
CA TYR E 19 -37.55 9.64 -20.76
C TYR E 19 -36.99 11.05 -20.85
N CYS E 20 -37.19 11.70 -21.98
CA CYS E 20 -36.86 13.10 -22.13
C CYS E 20 -37.96 13.93 -21.47
N LEU E 21 -37.62 14.63 -20.40
CA LEU E 21 -38.59 15.33 -19.58
C LEU E 21 -38.43 16.83 -19.80
N ILE E 22 -39.48 17.48 -20.29
CA ILE E 22 -39.42 18.87 -20.73
C ILE E 22 -40.32 19.70 -19.82
N ILE E 23 -39.71 20.59 -19.06
CA ILE E 23 -40.43 21.59 -18.29
C ILE E 23 -40.41 22.91 -19.05
N ASN E 24 -41.56 23.56 -19.11
CA ASN E 24 -41.76 24.72 -19.96
C ASN E 24 -42.60 25.74 -19.20
N ASN E 25 -42.03 26.92 -18.97
CA ASN E 25 -42.68 27.97 -18.19
C ASN E 25 -43.06 29.13 -19.11
N HIS E 26 -44.37 29.39 -19.21
CA HIS E 26 -44.87 30.46 -20.06
C HIS E 26 -45.48 31.58 -19.20
N ASN E 27 -46.62 31.34 -18.55
CA ASN E 27 -47.32 32.37 -17.82
C ASN E 27 -46.76 32.48 -16.40
N PHE E 28 -46.34 33.68 -16.02
CA PHE E 28 -45.87 33.97 -14.67
C PHE E 28 -46.81 34.96 -13.98
N ALA E 29 -48.12 34.82 -14.26
CA ALA E 29 -49.10 35.72 -13.67
C ALA E 29 -49.10 35.62 -12.15
N LYS E 30 -49.15 34.39 -11.63
CA LYS E 30 -49.07 34.21 -10.19
C LYS E 30 -47.75 34.75 -9.65
N ALA E 31 -46.66 34.58 -10.41
CA ALA E 31 -45.37 35.13 -10.00
C ALA E 31 -45.47 36.62 -9.70
N ARG E 32 -46.24 37.35 -10.50
CA ARG E 32 -46.47 38.76 -10.22
C ARG E 32 -47.45 38.95 -9.07
N GLU E 33 -48.44 38.06 -8.97
CA GLU E 33 -49.40 38.15 -7.87
C GLU E 33 -48.74 37.94 -6.52
N LYS E 34 -48.17 36.77 -6.33
CA LYS E 34 -47.55 36.36 -5.07
C LYS E 34 -46.30 37.06 -4.55
N VAL E 35 -45.40 37.47 -5.43
CA VAL E 35 -44.14 38.07 -4.99
C VAL E 35 -43.98 39.55 -5.26
N PRO E 36 -43.51 40.28 -4.26
CA PRO E 36 -43.29 41.69 -4.42
C PRO E 36 -42.20 42.05 -5.41
N LYS E 37 -41.04 41.43 -5.31
CA LYS E 37 -39.96 41.79 -6.19
C LYS E 37 -40.23 41.51 -7.64
N LEU E 38 -40.81 40.35 -7.88
CA LEU E 38 -41.11 39.93 -9.23
C LEU E 38 -42.46 40.44 -9.56
N HIS E 39 -42.65 41.73 -9.38
CA HIS E 39 -43.96 42.31 -9.67
C HIS E 39 -44.20 42.46 -11.16
N SER E 40 -43.14 42.66 -11.94
CA SER E 40 -43.24 42.92 -13.38
C SER E 40 -42.51 41.85 -14.19
N ILE E 41 -42.48 40.62 -13.69
CA ILE E 41 -41.78 39.56 -14.39
C ILE E 41 -42.63 39.09 -15.56
N ARG E 42 -42.08 39.18 -16.77
CA ARG E 42 -42.85 39.05 -17.99
C ARG E 42 -43.11 37.58 -18.34
N ASP E 43 -44.14 37.39 -19.16
CA ASP E 43 -44.41 36.07 -19.73
C ASP E 43 -43.42 35.78 -20.85
N ARG E 44 -42.92 34.55 -20.87
CA ARG E 44 -41.84 34.17 -21.78
C ARG E 44 -42.45 33.60 -23.06
N ASN E 45 -42.94 34.50 -23.90
CA ASN E 45 -43.48 34.10 -25.20
C ASN E 45 -42.34 33.67 -26.11
N GLY E 46 -42.59 32.59 -26.87
CA GLY E 46 -41.56 31.97 -27.67
C GLY E 46 -40.92 30.76 -27.02
N THR E 47 -41.21 30.50 -25.75
CA THR E 47 -40.69 29.31 -25.09
C THR E 47 -41.18 28.03 -25.77
N HIS E 48 -42.29 28.10 -26.48
CA HIS E 48 -42.81 26.93 -27.18
C HIS E 48 -41.87 26.50 -28.31
N LEU E 49 -41.26 27.46 -29.01
CA LEU E 49 -40.33 27.12 -30.09
C LEU E 49 -39.19 26.26 -29.57
N ASP E 50 -38.69 26.58 -28.37
CA ASP E 50 -37.76 25.69 -27.69
C ASP E 50 -38.45 24.36 -27.34
N ALA E 51 -39.63 24.43 -26.74
CA ALA E 51 -40.33 23.23 -26.32
C ALA E 51 -40.57 22.28 -27.50
N GLY E 52 -41.04 22.83 -28.62
CA GLY E 52 -41.25 22.01 -29.80
C GLY E 52 -39.94 21.47 -30.38
N ALA E 53 -38.93 22.33 -30.46
CA ALA E 53 -37.64 21.89 -31.00
C ALA E 53 -37.05 20.75 -30.19
N LEU E 54 -37.27 20.74 -28.87
CA LEU E 54 -36.74 19.66 -28.05
C LEU E 54 -37.53 18.37 -28.27
N THR E 55 -38.86 18.47 -28.34
CA THR E 55 -39.67 17.28 -28.58
C THR E 55 -39.28 16.60 -29.89
N THR E 56 -39.38 17.34 -31.00
CA THR E 56 -39.06 16.77 -32.30
C THR E 56 -37.63 16.24 -32.33
N THR E 57 -36.69 16.96 -31.70
CA THR E 57 -35.32 16.45 -31.63
C THR E 57 -35.29 15.11 -30.92
N PHE E 58 -35.65 15.09 -29.64
CA PHE E 58 -35.49 13.87 -28.86
C PHE E 58 -36.46 12.77 -29.24
N GLU E 59 -37.50 13.07 -30.03
CA GLU E 59 -38.25 12.00 -30.69
C GLU E 59 -37.43 11.39 -31.81
N GLU E 60 -36.76 12.23 -32.60
CA GLU E 60 -35.87 11.74 -33.66
C GLU E 60 -34.85 10.75 -33.12
N LEU E 61 -34.38 10.98 -31.89
CA LEU E 61 -33.35 10.17 -31.27
C LEU E 61 -33.93 9.14 -30.28
N HIS E 62 -35.17 8.73 -30.49
CA HIS E 62 -35.76 7.55 -29.84
C HIS E 62 -35.89 7.73 -28.33
N PHE E 63 -36.20 8.95 -27.90
CA PHE E 63 -36.51 9.23 -26.50
C PHE E 63 -38.01 9.46 -26.38
N GLU E 64 -38.65 8.74 -25.47
CA GLU E 64 -40.09 8.94 -25.25
C GLU E 64 -40.27 10.11 -24.30
N ILE E 65 -41.11 11.05 -24.69
CA ILE E 65 -41.07 12.42 -24.20
C ILE E 65 -42.17 12.63 -23.18
N LYS E 66 -41.83 13.37 -22.11
CA LYS E 66 -42.76 13.67 -21.04
C LYS E 66 -42.76 15.18 -20.77
N PRO E 67 -43.41 15.95 -21.63
CA PRO E 67 -43.43 17.40 -21.49
C PRO E 67 -44.50 17.90 -20.53
N HIS E 68 -44.17 18.99 -19.84
CA HIS E 68 -45.06 19.66 -18.90
C HIS E 68 -44.98 21.16 -19.11
N ASP E 69 -46.10 21.87 -19.04
CA ASP E 69 -46.11 23.30 -19.25
C ASP E 69 -46.55 24.07 -18.03
N ASP E 70 -45.93 25.22 -17.79
CA ASP E 70 -46.32 26.08 -16.68
C ASP E 70 -46.43 25.50 -15.28
N CYS E 71 -45.31 25.16 -14.65
CA CYS E 71 -45.33 24.60 -13.31
C CYS E 71 -44.70 25.45 -12.25
N THR E 72 -45.21 25.37 -11.04
CA THR E 72 -44.66 26.08 -9.89
C THR E 72 -43.53 25.31 -9.25
N VAL E 73 -42.84 25.92 -8.31
CA VAL E 73 -41.74 25.24 -7.63
C VAL E 73 -42.26 24.00 -6.90
N GLU E 74 -43.45 24.10 -6.31
CA GLU E 74 -44.06 22.93 -5.68
C GLU E 74 -44.35 21.84 -6.71
N GLN E 75 -44.81 22.23 -7.89
CA GLN E 75 -45.09 21.24 -8.93
C GLN E 75 -43.81 20.66 -9.52
N ILE E 76 -42.75 21.48 -9.64
CA ILE E 76 -41.53 21.00 -10.27
C ILE E 76 -40.82 19.98 -9.39
N TYR E 77 -40.75 20.25 -8.08
CA TYR E 77 -40.20 19.25 -7.16
C TYR E 77 -41.02 17.96 -7.21
N GLU E 78 -42.33 18.09 -7.38
CA GLU E 78 -43.20 16.92 -7.50
C GLU E 78 -42.89 16.14 -8.77
N ILE E 79 -42.87 16.83 -9.92
CA ILE E 79 -42.74 16.16 -11.21
C ILE E 79 -41.44 15.38 -11.30
N LEU E 80 -40.38 15.87 -10.65
CA LEU E 80 -39.11 15.14 -10.67
C LEU E 80 -39.17 13.91 -9.77
N LYS E 81 -39.77 14.04 -8.58
CA LYS E 81 -39.86 12.93 -7.65
C LYS E 81 -40.48 11.70 -8.29
N ILE E 82 -41.45 11.90 -9.17
CA ILE E 82 -42.04 10.79 -9.91
C ILE E 82 -40.96 10.04 -10.69
N TYR E 83 -40.20 10.76 -11.52
CA TYR E 83 -39.17 10.11 -12.31
C TYR E 83 -37.96 9.72 -11.47
N GLN E 84 -37.81 10.30 -10.27
CA GLN E 84 -36.85 9.75 -9.33
C GLN E 84 -37.28 8.37 -8.87
N LEU E 85 -38.58 8.18 -8.65
CA LEU E 85 -39.13 6.89 -8.23
C LEU E 85 -39.75 6.18 -9.44
N MET E 86 -38.89 5.73 -10.35
CA MET E 86 -39.38 5.08 -11.54
C MET E 86 -38.39 4.04 -12.02
N ASP E 87 -38.87 3.15 -12.90
CA ASP E 87 -38.18 1.90 -13.22
C ASP E 87 -37.36 2.05 -14.50
N HIS E 88 -36.34 2.92 -14.45
CA HIS E 88 -35.40 3.02 -15.55
C HIS E 88 -34.52 1.78 -15.57
N SER E 89 -34.85 0.82 -16.43
CA SER E 89 -34.04 -0.39 -16.52
C SER E 89 -33.90 -0.81 -17.98
N ASN E 90 -35.01 -0.83 -18.70
CA ASN E 90 -34.98 -0.95 -20.15
C ASN E 90 -34.58 0.35 -20.83
N MET E 91 -34.07 1.29 -20.03
CA MET E 91 -33.65 2.59 -20.50
C MET E 91 -32.15 2.75 -20.32
N ASP E 92 -31.52 3.47 -21.24
CA ASP E 92 -30.08 3.66 -21.24
C ASP E 92 -29.65 5.06 -20.85
N CYS E 93 -30.58 5.98 -20.60
CA CYS E 93 -30.24 7.37 -20.32
C CYS E 93 -31.46 8.10 -19.80
N PHE E 94 -31.22 9.25 -19.17
CA PHE E 94 -32.28 10.13 -18.69
C PHE E 94 -31.94 11.56 -19.09
N ILE E 95 -32.97 12.34 -19.38
CA ILE E 95 -32.82 13.72 -19.83
C ILE E 95 -33.84 14.58 -19.10
N CYS E 96 -33.49 15.85 -18.89
CA CYS E 96 -34.39 16.78 -18.21
C CYS E 96 -34.14 18.17 -18.75
N CYS E 97 -35.12 18.73 -19.44
CA CYS E 97 -35.06 20.08 -19.95
C CYS E 97 -35.91 21.00 -19.08
N ILE E 98 -35.44 22.24 -18.91
CA ILE E 98 -36.13 23.22 -18.07
C ILE E 98 -35.99 24.59 -18.72
N LEU E 99 -37.12 25.28 -18.88
CA LEU E 99 -37.14 26.62 -19.48
C LEU E 99 -37.97 27.53 -18.58
N SER E 100 -37.31 28.48 -17.93
CA SER E 100 -37.97 29.40 -17.02
C SER E 100 -37.07 30.63 -16.84
N HIS E 101 -37.30 31.37 -15.77
CA HIS E 101 -36.38 32.42 -15.35
C HIS E 101 -35.50 31.87 -14.23
N GLY E 102 -34.26 32.34 -14.20
CA GLY E 102 -33.34 31.90 -13.16
C GLY E 102 -32.23 32.88 -12.90
N ASP E 103 -31.97 33.15 -11.64
CA ASP E 103 -30.98 34.11 -11.24
C ASP E 103 -29.88 33.33 -10.62
N LYS E 104 -28.69 33.37 -11.19
CA LYS E 104 -27.54 32.61 -10.71
C LYS E 104 -27.85 31.13 -10.72
N GLY E 105 -27.60 30.47 -9.61
CA GLY E 105 -27.90 29.06 -9.45
C GLY E 105 -29.34 28.60 -9.46
N ILE E 106 -30.20 29.44 -8.92
CA ILE E 106 -31.61 29.17 -8.79
C ILE E 106 -32.41 29.15 -10.07
N ILE E 107 -33.58 28.51 -9.99
CA ILE E 107 -34.59 28.49 -11.04
C ILE E 107 -35.92 28.92 -10.43
N TYR E 108 -36.70 29.64 -11.22
CA TYR E 108 -37.98 30.18 -10.78
C TYR E 108 -39.11 29.24 -11.21
N GLY E 109 -40.18 29.23 -10.42
CA GLY E 109 -41.43 28.64 -10.83
C GLY E 109 -42.30 29.68 -11.54
N THR E 110 -43.55 29.30 -11.77
CA THR E 110 -44.53 30.29 -12.21
C THR E 110 -45.18 31.03 -11.05
N ASP E 111 -45.07 30.51 -9.83
CA ASP E 111 -45.53 31.21 -8.65
C ASP E 111 -44.51 32.20 -8.11
N GLY E 112 -43.52 32.56 -8.92
CA GLY E 112 -42.42 33.39 -8.45
C GLY E 112 -41.53 32.73 -7.44
N GLN E 113 -41.84 31.51 -7.01
CA GLN E 113 -41.01 30.80 -6.06
C GLN E 113 -39.71 30.36 -6.74
N GLU E 114 -38.75 29.92 -5.91
CA GLU E 114 -37.37 29.75 -6.34
C GLU E 114 -36.85 28.38 -5.92
N ALA E 115 -36.06 27.76 -6.80
CA ALA E 115 -35.54 26.42 -6.58
C ALA E 115 -34.12 26.30 -7.12
N PRO E 116 -33.15 25.94 -6.29
CA PRO E 116 -31.77 25.82 -6.76
C PRO E 116 -31.58 24.57 -7.62
N ILE E 117 -30.91 24.75 -8.77
CA ILE E 117 -30.76 23.66 -9.72
C ILE E 117 -29.94 22.50 -9.20
N TYR E 118 -29.27 22.66 -8.05
CA TYR E 118 -28.65 21.51 -7.41
C TYR E 118 -29.67 20.61 -6.74
N GLU E 119 -30.77 21.20 -6.25
CA GLU E 119 -31.85 20.40 -5.68
C GLU E 119 -32.48 19.50 -6.73
N LEU E 120 -32.54 19.95 -7.98
CA LEU E 120 -33.13 19.14 -9.04
C LEU E 120 -32.19 18.03 -9.47
N THR E 121 -30.89 18.33 -9.59
CA THR E 121 -29.92 17.33 -10.01
C THR E 121 -29.54 16.36 -8.91
N SER E 122 -29.81 16.71 -7.65
CA SER E 122 -29.50 15.84 -6.53
C SER E 122 -30.49 14.68 -6.38
N GLN E 123 -31.58 14.67 -7.14
CA GLN E 123 -32.62 13.67 -6.99
C GLN E 123 -32.33 12.37 -7.73
N PHE E 124 -31.21 12.26 -8.43
CA PHE E 124 -30.99 11.13 -9.33
C PHE E 124 -29.65 10.46 -9.06
N THR E 125 -29.19 10.52 -7.81
CA THR E 125 -28.05 9.73 -7.35
C THR E 125 -28.32 8.25 -7.57
N GLY E 126 -27.27 7.44 -7.53
CA GLY E 126 -27.48 6.00 -7.41
C GLY E 126 -28.33 5.66 -6.19
N LEU E 127 -28.17 6.45 -5.13
CA LEU E 127 -29.01 6.28 -3.95
C LEU E 127 -30.47 6.59 -4.26
N LYS E 128 -30.76 7.81 -4.70
CA LYS E 128 -32.15 8.24 -4.84
C LYS E 128 -32.83 7.61 -6.04
N CYS E 129 -32.08 7.29 -7.09
CA CYS E 129 -32.62 6.65 -8.28
C CYS E 129 -31.67 5.53 -8.68
N PRO E 130 -31.75 4.37 -8.02
CA PRO E 130 -30.89 3.24 -8.40
C PRO E 130 -31.18 2.74 -9.80
N SER E 131 -32.36 3.01 -10.34
CA SER E 131 -32.68 2.60 -11.70
C SER E 131 -31.67 3.17 -12.70
N LEU E 132 -31.27 4.43 -12.51
CA LEU E 132 -30.41 5.11 -13.46
C LEU E 132 -28.92 5.04 -13.09
N ALA E 133 -28.57 4.32 -12.03
CA ALA E 133 -27.17 4.22 -11.63
C ALA E 133 -26.35 3.62 -12.77
N GLY E 134 -25.21 4.26 -13.06
CA GLY E 134 -24.39 3.88 -14.19
C GLY E 134 -24.89 4.39 -15.53
N LYS E 135 -25.99 5.13 -15.56
CA LYS E 135 -26.57 5.65 -16.78
C LYS E 135 -26.51 7.18 -16.78
N PRO E 136 -26.46 7.79 -17.96
CA PRO E 136 -26.35 9.26 -18.02
C PRO E 136 -27.62 9.94 -17.51
N LYS E 137 -27.43 10.94 -16.66
CA LYS E 137 -28.50 11.80 -16.17
C LYS E 137 -28.19 13.21 -16.65
N VAL E 138 -28.86 13.64 -17.71
CA VAL E 138 -28.51 14.84 -18.45
C VAL E 138 -29.53 15.94 -18.19
N PHE E 139 -29.06 17.19 -18.21
CA PHE E 139 -29.88 18.35 -17.87
C PHE E 139 -29.58 19.50 -18.80
N PHE E 140 -30.62 20.23 -19.21
CA PHE E 140 -30.49 21.45 -19.99
C PHE E 140 -31.44 22.49 -19.43
N ILE E 141 -30.88 23.62 -19.00
CA ILE E 141 -31.63 24.77 -18.50
C ILE E 141 -31.20 25.98 -19.29
N GLN E 142 -32.16 26.88 -19.55
CA GLN E 142 -31.82 28.21 -20.09
C GLN E 142 -32.59 29.23 -19.26
N ALA E 143 -31.92 29.81 -18.27
CA ALA E 143 -32.56 30.76 -17.38
C ALA E 143 -32.45 32.17 -17.94
N CYS E 144 -33.39 33.03 -17.56
CA CYS E 144 -33.45 34.38 -18.07
C CYS E 144 -33.49 35.39 -16.94
N GLN E 145 -32.87 36.55 -17.17
CA GLN E 145 -32.86 37.65 -16.22
C GLN E 145 -33.07 38.99 -16.92
N GLN E 173 -25.24 24.32 -2.91
CA GLN E 173 -24.76 25.69 -2.98
C GLN E 173 -23.37 25.75 -3.61
N THR E 174 -22.56 24.73 -3.33
CA THR E 174 -21.22 24.65 -3.87
C THR E 174 -21.21 24.10 -5.28
N ARG E 175 -22.13 23.21 -5.58
CA ARG E 175 -22.23 22.66 -6.92
C ARG E 175 -23.61 22.73 -7.45
N TYR E 176 -23.73 22.54 -8.74
CA TYR E 176 -25.05 22.39 -9.33
C TYR E 176 -25.39 20.93 -9.57
N ILE E 177 -24.40 20.06 -9.61
CA ILE E 177 -24.59 18.62 -9.81
C ILE E 177 -23.92 17.90 -8.64
N PRO E 178 -24.48 16.79 -8.16
CA PRO E 178 -23.82 16.04 -7.10
C PRO E 178 -22.51 15.43 -7.60
N ASP E 179 -21.52 15.36 -6.72
CA ASP E 179 -20.24 14.79 -7.11
C ASP E 179 -20.26 13.26 -7.15
N GLU E 180 -21.36 12.70 -7.65
CA GLU E 180 -21.40 11.34 -8.17
C GLU E 180 -21.12 11.40 -9.66
N ALA E 181 -20.99 10.25 -10.30
CA ALA E 181 -20.61 10.21 -11.71
C ALA E 181 -21.83 10.19 -12.62
N ASP E 182 -21.57 10.23 -13.94
CA ASP E 182 -22.58 10.08 -14.99
C ASP E 182 -23.58 11.23 -15.02
N PHE E 183 -23.15 12.44 -14.69
CA PHE E 183 -24.02 13.61 -14.73
C PHE E 183 -23.56 14.60 -15.78
N LEU E 184 -24.52 15.31 -16.36
CA LEU E 184 -24.26 16.39 -17.30
C LEU E 184 -25.24 17.51 -17.04
N LEU E 185 -24.74 18.74 -17.08
CA LEU E 185 -25.58 19.92 -16.92
C LEU E 185 -25.15 20.95 -17.96
N GLY E 186 -26.01 21.17 -18.96
CA GLY E 186 -25.73 22.15 -19.99
C GLY E 186 -26.54 23.42 -19.80
N MET E 187 -26.40 24.05 -18.64
CA MET E 187 -27.17 25.24 -18.33
C MET E 187 -26.54 26.48 -18.95
N ALA E 188 -27.38 27.49 -19.18
CA ALA E 188 -26.93 28.79 -19.66
C ALA E 188 -27.91 29.85 -19.18
N THR E 189 -27.39 31.04 -18.89
CA THR E 189 -28.22 32.17 -18.50
C THR E 189 -28.38 33.13 -19.66
N VAL E 190 -29.58 33.70 -19.77
CA VAL E 190 -29.93 34.61 -20.86
C VAL E 190 -30.37 35.94 -20.25
N ASN E 191 -30.15 37.02 -20.99
CA ASN E 191 -30.42 38.37 -20.51
C ASN E 191 -31.36 39.08 -21.48
N ASN E 192 -32.50 39.54 -20.96
CA ASN E 192 -33.51 40.23 -21.76
C ASN E 192 -32.97 41.54 -22.34
N TRP E 204 -28.91 31.83 -30.92
CA TRP E 204 -29.81 31.39 -29.87
C TRP E 204 -29.45 29.97 -29.41
N TYR E 205 -29.20 29.84 -28.11
CA TYR E 205 -28.66 28.64 -27.48
C TYR E 205 -29.49 27.39 -27.75
N ILE E 206 -30.69 27.30 -27.18
CA ILE E 206 -31.46 26.07 -27.23
C ILE E 206 -31.77 25.68 -28.67
N GLN E 207 -32.07 26.66 -29.52
CA GLN E 207 -32.28 26.34 -30.93
C GLN E 207 -30.99 25.88 -31.59
N SER E 208 -29.85 26.49 -31.23
CA SER E 208 -28.58 26.01 -31.76
C SER E 208 -28.18 24.69 -31.12
N LEU E 209 -28.63 24.42 -29.89
CA LEU E 209 -28.38 23.11 -29.33
C LEU E 209 -29.11 22.03 -30.11
N CYS E 210 -30.27 22.35 -30.67
CA CYS E 210 -31.01 21.40 -31.48
C CYS E 210 -30.45 21.29 -32.89
N GLN E 211 -29.98 22.41 -33.46
CA GLN E 211 -29.52 22.40 -34.85
C GLN E 211 -28.37 21.43 -35.04
N SER E 212 -27.48 21.31 -34.04
CA SER E 212 -26.37 20.39 -34.13
C SER E 212 -26.72 19.00 -33.62
N LEU E 213 -27.59 18.90 -32.62
CA LEU E 213 -28.02 17.59 -32.13
C LEU E 213 -28.69 16.80 -33.24
N ARG E 214 -29.64 17.42 -33.94
CA ARG E 214 -30.26 16.76 -35.09
C ARG E 214 -29.25 16.51 -36.19
N GLU E 215 -28.28 17.41 -36.36
CA GLU E 215 -27.33 17.32 -37.46
C GLU E 215 -26.13 16.44 -37.17
N ARG E 216 -25.84 16.15 -35.90
CA ARG E 216 -24.61 15.45 -35.55
C ARG E 216 -24.82 14.12 -34.83
N SER E 217 -25.97 13.91 -34.23
CA SER E 217 -26.15 12.67 -33.52
C SER E 217 -26.04 11.50 -34.47
N PRO E 218 -26.59 11.67 -35.66
CA PRO E 218 -26.53 10.61 -36.68
C PRO E 218 -25.08 10.31 -37.05
N ARG E 219 -24.25 11.35 -37.15
CA ARG E 219 -22.87 11.18 -37.49
C ARG E 219 -22.05 10.35 -36.50
N GLY E 220 -22.35 10.43 -35.21
CA GLY E 220 -21.58 9.71 -34.20
C GLY E 220 -20.84 10.56 -33.20
N ASP E 221 -21.17 11.83 -33.25
CA ASP E 221 -20.61 12.86 -32.42
C ASP E 221 -21.11 12.85 -31.00
N ASP E 222 -20.22 12.68 -30.04
CA ASP E 222 -20.64 12.65 -28.65
C ASP E 222 -21.21 14.01 -28.24
N ILE E 223 -21.73 14.06 -27.02
CA ILE E 223 -22.44 15.25 -26.57
C ILE E 223 -21.48 16.43 -26.39
N LEU E 224 -20.27 16.17 -25.91
CA LEU E 224 -19.34 17.26 -25.66
C LEU E 224 -18.89 17.91 -26.97
N THR E 225 -18.71 17.10 -28.02
CA THR E 225 -18.45 17.67 -29.34
C THR E 225 -19.55 18.63 -29.74
N ILE E 226 -20.81 18.21 -29.56
CA ILE E 226 -21.95 19.08 -29.84
C ILE E 226 -21.87 20.34 -29.00
N LEU E 227 -21.69 20.18 -27.68
CA LEU E 227 -21.68 21.33 -26.78
C LEU E 227 -20.58 22.31 -27.15
N THR E 228 -19.45 21.82 -27.66
CA THR E 228 -18.41 22.71 -28.15
C THR E 228 -18.93 23.56 -29.31
N GLU E 229 -19.63 22.94 -30.26
CA GLU E 229 -20.18 23.69 -31.38
C GLU E 229 -21.22 24.70 -30.93
N VAL E 230 -22.02 24.35 -29.91
CA VAL E 230 -23.02 25.27 -29.41
C VAL E 230 -22.36 26.51 -28.81
N ASN E 231 -21.28 26.31 -28.04
CA ASN E 231 -20.58 27.44 -27.44
C ASN E 231 -20.05 28.41 -28.49
N TYR E 232 -19.73 27.90 -29.68
CA TYR E 232 -19.33 28.78 -30.77
C TYR E 232 -20.50 29.61 -31.29
N GLU E 233 -21.65 28.96 -31.48
CA GLU E 233 -22.80 29.67 -32.05
C GLU E 233 -23.25 30.80 -31.14
N VAL E 234 -23.28 30.61 -29.84
CA VAL E 234 -23.76 31.73 -29.07
C VAL E 234 -22.84 32.92 -29.24
N SER E 235 -21.57 32.82 -28.90
CA SER E 235 -20.67 33.93 -29.19
C SER E 235 -20.44 34.09 -30.67
N ASN E 236 -20.54 35.32 -31.20
CA ASN E 236 -20.38 35.60 -32.65
C ASN E 236 -19.29 34.84 -33.40
N GLN E 246 -22.77 36.30 -21.53
CA GLN E 246 -23.67 35.18 -21.32
C GLN E 246 -23.27 34.04 -22.21
N MET E 247 -23.17 32.87 -21.61
CA MET E 247 -22.77 31.66 -22.30
C MET E 247 -23.12 30.47 -21.42
N PRO E 248 -23.22 29.27 -21.98
CA PRO E 248 -23.30 28.06 -21.15
C PRO E 248 -21.91 27.68 -20.64
N GLN E 249 -21.82 27.37 -19.34
CA GLN E 249 -20.65 26.72 -18.79
C GLN E 249 -21.01 25.26 -18.54
N PRO E 250 -20.88 24.38 -19.53
CA PRO E 250 -21.26 22.98 -19.32
C PRO E 250 -20.36 22.25 -18.33
N THR E 251 -20.89 21.97 -17.14
CA THR E 251 -20.26 21.09 -16.17
C THR E 251 -20.70 19.65 -16.47
N PHE E 252 -19.83 18.69 -16.20
CA PHE E 252 -20.22 17.31 -16.45
C PHE E 252 -19.52 16.38 -15.45
N THR E 253 -19.86 15.08 -15.58
CA THR E 253 -19.24 14.02 -14.79
C THR E 253 -19.25 12.69 -15.53
N LEU E 254 -19.43 12.72 -16.84
CA LEU E 254 -19.52 11.48 -17.60
C LEU E 254 -18.18 10.73 -17.59
N ARG E 255 -18.25 9.44 -17.87
CA ARG E 255 -17.08 8.58 -17.90
C ARG E 255 -16.86 7.91 -19.25
N LYS E 256 -17.90 7.75 -20.05
CA LYS E 256 -17.78 7.33 -21.44
C LYS E 256 -18.33 8.41 -22.35
N LYS E 257 -17.99 8.31 -23.64
CA LYS E 257 -18.56 9.22 -24.61
C LYS E 257 -20.05 8.95 -24.78
N LEU E 258 -20.82 10.04 -24.91
CA LEU E 258 -22.27 10.01 -24.78
C LEU E 258 -22.90 10.45 -26.09
N VAL E 259 -23.53 9.52 -26.77
CA VAL E 259 -24.11 9.79 -28.07
C VAL E 259 -25.43 9.06 -28.29
N PHE E 260 -26.31 9.74 -29.01
CA PHE E 260 -27.64 9.30 -29.36
C PHE E 260 -27.79 9.17 -30.86
N PRO E 261 -28.11 8.01 -31.35
CA PRO E 261 -28.17 7.80 -32.79
C PRO E 261 -29.50 7.81 -33.45
N SER E 262 -29.56 8.04 -34.75
CA SER E 262 -30.88 8.01 -35.36
C SER E 262 -30.91 7.31 -36.71
N ASP E 263 -29.75 6.78 -37.12
CA ASP E 263 -29.52 6.09 -38.40
C ASP E 263 -29.69 6.98 -39.63
N ASP F 7 -16.04 20.78 -38.29
CA ASP F 7 -15.32 20.67 -37.04
C ASP F 7 -14.25 21.73 -36.97
N LYS F 8 -14.13 22.37 -35.82
CA LYS F 8 -13.14 23.41 -35.61
C LYS F 8 -12.20 22.99 -34.50
N VAL F 9 -10.97 23.48 -34.55
CA VAL F 9 -9.98 23.10 -33.57
C VAL F 9 -9.20 24.34 -33.14
N TYR F 10 -8.77 24.35 -31.87
CA TYR F 10 -8.03 25.46 -31.30
C TYR F 10 -6.61 25.48 -31.87
N GLN F 11 -6.25 26.58 -32.53
CA GLN F 11 -4.90 26.72 -33.08
C GLN F 11 -3.86 26.56 -31.98
N MET F 12 -3.06 25.50 -32.07
CA MET F 12 -2.04 25.18 -31.07
C MET F 12 -0.75 24.84 -31.82
N LYS F 13 -0.19 25.83 -32.51
CA LYS F 13 0.98 25.63 -33.36
C LYS F 13 2.22 26.36 -32.88
N SER F 14 2.14 27.12 -31.79
CA SER F 14 3.29 27.89 -31.33
C SER F 14 4.37 26.96 -30.77
N LYS F 15 5.49 27.57 -30.37
CA LYS F 15 6.59 26.87 -29.72
C LYS F 15 7.45 27.88 -28.97
N PRO F 16 7.31 27.99 -27.64
CA PRO F 16 6.41 27.19 -26.80
C PRO F 16 4.94 27.56 -26.97
N ARG F 17 4.06 26.58 -26.79
CA ARG F 17 2.64 26.79 -26.96
C ARG F 17 2.07 27.75 -25.91
N GLY F 18 2.70 27.84 -24.75
CA GLY F 18 2.28 28.79 -23.74
C GLY F 18 2.90 28.48 -22.39
N TYR F 19 2.74 29.43 -21.48
CA TYR F 19 3.22 29.23 -20.11
C TYR F 19 2.34 28.23 -19.38
N CYS F 20 2.95 27.38 -18.58
CA CYS F 20 2.25 26.44 -17.71
C CYS F 20 2.55 26.84 -16.27
N LEU F 21 1.64 27.60 -15.67
CA LEU F 21 1.80 27.98 -14.28
C LEU F 21 1.53 26.78 -13.38
N ILE F 22 2.45 26.50 -12.45
CA ILE F 22 2.30 25.37 -11.55
C ILE F 22 2.58 25.81 -10.12
N ILE F 23 1.58 26.40 -9.47
CA ILE F 23 1.67 26.69 -8.04
C ILE F 23 1.63 25.39 -7.25
N ASN F 24 2.35 25.36 -6.13
CA ASN F 24 2.50 24.11 -5.37
C ASN F 24 2.64 24.47 -3.89
N ASN F 25 1.51 24.53 -3.19
CA ASN F 25 1.49 24.82 -1.76
C ASN F 25 1.64 23.53 -0.96
N HIS F 26 2.61 23.52 -0.04
CA HIS F 26 2.87 22.34 0.77
C HIS F 26 2.98 22.68 2.25
N ASN F 27 3.91 23.57 2.61
CA ASN F 27 4.17 23.91 4.00
C ASN F 27 3.18 24.97 4.44
N PHE F 28 2.09 24.53 5.08
CA PHE F 28 1.10 25.44 5.66
C PHE F 28 1.43 25.79 7.10
N ALA F 29 2.69 26.17 7.34
CA ALA F 29 3.13 26.50 8.69
C ALA F 29 2.46 27.77 9.19
N LYS F 30 2.58 28.87 8.43
CA LYS F 30 1.97 30.13 8.83
C LYS F 30 0.47 30.03 8.93
N ALA F 31 -0.15 29.11 8.20
CA ALA F 31 -1.58 28.85 8.34
C ALA F 31 -1.93 28.57 9.80
N ARG F 32 -1.38 27.49 10.35
CA ARG F 32 -1.61 27.19 11.76
C ARG F 32 -1.08 28.29 12.66
N GLU F 33 -0.04 29.01 12.21
CA GLU F 33 0.60 30.00 13.06
C GLU F 33 -0.24 31.27 13.17
N LYS F 34 -0.86 31.70 12.06
CA LYS F 34 -1.50 33.02 12.00
C LYS F 34 -3.02 32.98 12.04
N VAL F 35 -3.66 31.84 11.81
CA VAL F 35 -5.12 31.77 11.96
C VAL F 35 -5.46 30.60 12.88
N PRO F 36 -6.35 30.76 13.85
CA PRO F 36 -6.65 29.59 14.67
C PRO F 36 -7.47 28.47 14.06
N LYS F 37 -8.65 28.76 13.53
CA LYS F 37 -9.49 27.71 12.96
C LYS F 37 -8.73 26.69 12.11
N LEU F 38 -7.78 27.14 11.29
CA LEU F 38 -6.93 26.24 10.50
C LEU F 38 -5.79 25.64 11.33
N HIS F 39 -5.90 25.68 12.66
CA HIS F 39 -4.89 25.21 13.61
C HIS F 39 -4.30 23.85 13.28
N SER F 40 -5.15 22.92 12.88
CA SER F 40 -4.74 21.52 12.76
C SER F 40 -4.78 21.05 11.30
N ILE F 41 -4.16 21.83 10.42
CA ILE F 41 -4.17 21.54 8.99
C ILE F 41 -2.89 20.79 8.62
N ARG F 42 -3.01 19.74 7.84
CA ARG F 42 -1.85 18.98 7.51
C ARG F 42 -1.09 19.56 6.34
N ASP F 43 0.22 19.38 6.37
CA ASP F 43 1.08 19.82 5.27
C ASP F 43 0.95 18.84 4.11
N ARG F 44 0.81 19.38 2.91
CA ARG F 44 0.51 18.55 1.75
C ARG F 44 1.72 17.77 1.27
N ASN F 45 2.25 16.88 2.10
CA ASN F 45 3.36 16.04 1.65
C ASN F 45 2.90 15.13 0.52
N GLY F 46 3.81 14.88 -0.42
CA GLY F 46 3.48 14.17 -1.63
C GLY F 46 3.00 15.04 -2.76
N THR F 47 2.75 16.33 -2.50
CA THR F 47 2.29 17.24 -3.55
C THR F 47 3.36 17.49 -4.62
N HIS F 48 4.65 17.30 -4.28
CA HIS F 48 5.70 17.41 -5.28
C HIS F 48 5.52 16.36 -6.38
N LEU F 49 5.01 15.18 -6.03
CA LEU F 49 4.77 14.14 -7.03
C LEU F 49 3.75 14.58 -8.08
N ASP F 50 2.66 15.19 -7.64
CA ASP F 50 1.72 15.81 -8.58
C ASP F 50 2.40 16.94 -9.35
N ALA F 51 3.06 17.85 -8.63
CA ALA F 51 3.76 18.95 -9.27
C ALA F 51 4.77 18.44 -10.28
N GLY F 52 5.52 17.39 -9.91
CA GLY F 52 6.42 16.77 -10.87
C GLY F 52 5.69 16.22 -12.08
N ALA F 53 4.55 15.58 -11.86
CA ALA F 53 3.79 15.00 -12.97
C ALA F 53 3.40 16.07 -13.98
N LEU F 54 2.90 17.20 -13.50
CA LEU F 54 2.55 18.28 -14.42
C LEU F 54 3.79 18.87 -15.08
N THR F 55 4.84 19.13 -14.29
CA THR F 55 6.07 19.68 -14.87
C THR F 55 6.67 18.74 -15.90
N THR F 56 6.42 17.44 -15.77
CA THR F 56 6.81 16.51 -16.83
C THR F 56 5.85 16.61 -18.02
N THR F 57 4.54 16.59 -17.74
CA THR F 57 3.55 16.37 -18.79
C THR F 57 3.46 17.55 -19.75
N PHE F 58 3.52 18.77 -19.24
CA PHE F 58 3.38 19.94 -20.11
C PHE F 58 4.70 20.42 -20.68
N GLU F 59 5.82 20.06 -20.06
CA GLU F 59 7.12 20.23 -20.72
C GLU F 59 7.16 19.46 -22.03
N GLU F 60 6.76 18.19 -21.98
CA GLU F 60 6.67 17.37 -23.20
C GLU F 60 5.75 18.02 -24.22
N LEU F 61 4.58 18.47 -23.78
CA LEU F 61 3.59 19.12 -24.63
C LEU F 61 4.00 20.52 -25.07
N HIS F 62 5.28 20.88 -24.91
CA HIS F 62 5.84 22.15 -25.40
C HIS F 62 5.28 23.35 -24.64
N PHE F 63 5.21 23.25 -23.33
CA PHE F 63 4.74 24.35 -22.51
C PHE F 63 5.85 24.86 -21.59
N GLU F 64 5.94 26.19 -21.49
CA GLU F 64 6.99 26.86 -20.71
C GLU F 64 6.52 26.94 -19.26
N ILE F 65 7.00 26.03 -18.43
CA ILE F 65 6.54 25.93 -17.05
C ILE F 65 7.26 26.93 -16.17
N LYS F 66 6.50 27.74 -15.46
CA LYS F 66 7.04 28.66 -14.45
C LYS F 66 6.45 28.28 -13.11
N PRO F 67 7.18 27.56 -12.27
CA PRO F 67 6.58 27.01 -11.05
C PRO F 67 6.78 27.88 -9.82
N HIS F 68 5.81 27.84 -8.93
CA HIS F 68 5.88 28.57 -7.69
C HIS F 68 5.49 27.67 -6.57
N ASP F 69 6.36 27.49 -5.59
CA ASP F 69 6.09 26.59 -4.49
C ASP F 69 5.85 27.37 -3.22
N ASP F 70 4.87 26.92 -2.44
CA ASP F 70 4.51 27.56 -1.19
C ASP F 70 4.14 29.04 -1.15
N CYS F 71 3.19 29.46 -1.97
CA CYS F 71 2.71 30.85 -2.01
C CYS F 71 1.65 31.24 -1.02
N THR F 72 1.38 32.53 -0.91
CA THR F 72 0.38 33.10 -0.03
C THR F 72 -0.67 33.76 -0.87
N VAL F 73 -1.90 33.75 -0.44
CA VAL F 73 -2.90 34.36 -1.32
C VAL F 73 -2.33 35.64 -1.92
N GLU F 74 -1.71 36.46 -1.07
CA GLU F 74 -1.02 37.67 -1.51
C GLU F 74 -0.01 37.35 -2.61
N GLN F 75 0.84 36.35 -2.39
CA GLN F 75 1.81 35.96 -3.40
C GLN F 75 1.13 35.44 -4.65
N ILE F 76 0.07 34.65 -4.49
CA ILE F 76 -0.61 34.05 -5.64
C ILE F 76 -1.20 35.13 -6.54
N TYR F 77 -1.90 36.10 -5.94
CA TYR F 77 -2.52 37.16 -6.72
C TYR F 77 -1.49 37.91 -7.55
N GLU F 78 -0.32 38.17 -6.98
CA GLU F 78 0.76 38.81 -7.74
C GLU F 78 1.22 37.92 -8.88
N ILE F 79 1.38 36.62 -8.61
CA ILE F 79 1.85 35.70 -9.63
C ILE F 79 0.92 35.70 -10.83
N LEU F 80 -0.40 35.62 -10.59
CA LEU F 80 -1.34 35.68 -11.69
C LEU F 80 -1.38 37.07 -12.31
N LYS F 81 -1.18 38.11 -11.49
CA LYS F 81 -1.02 39.45 -12.04
C LYS F 81 0.11 39.48 -13.06
N ILE F 82 1.28 38.93 -12.70
CA ILE F 82 2.42 38.86 -13.60
C ILE F 82 1.98 38.41 -14.98
N TYR F 83 1.41 37.21 -15.06
CA TYR F 83 1.04 36.63 -16.34
C TYR F 83 -0.27 37.19 -16.89
N GLN F 84 -1.04 37.91 -16.08
CA GLN F 84 -2.15 38.68 -16.63
C GLN F 84 -1.63 39.85 -17.45
N LEU F 85 -0.69 40.62 -16.90
CA LEU F 85 -0.09 41.74 -17.61
C LEU F 85 0.84 41.32 -18.73
N MET F 86 1.21 40.04 -18.80
CA MET F 86 2.15 39.55 -19.80
C MET F 86 1.55 39.69 -21.21
N ASP F 87 2.44 39.64 -22.21
CA ASP F 87 2.07 39.80 -23.61
C ASP F 87 2.15 38.42 -24.28
N HIS F 88 1.08 37.64 -24.10
CA HIS F 88 0.98 36.30 -24.66
C HIS F 88 0.66 36.31 -26.14
N SER F 89 1.16 37.32 -26.88
CA SER F 89 0.75 37.50 -28.26
C SER F 89 1.20 36.34 -29.14
N ASN F 90 2.38 35.80 -28.88
CA ASN F 90 2.87 34.64 -29.62
C ASN F 90 2.45 33.32 -29.00
N MET F 91 1.79 33.33 -27.86
CA MET F 91 1.32 32.12 -27.20
C MET F 91 -0.02 31.69 -27.76
N ASP F 92 -0.21 30.37 -27.88
CA ASP F 92 -1.45 29.80 -28.39
C ASP F 92 -2.35 29.27 -27.29
N CYS F 93 -1.92 29.36 -26.02
CA CYS F 93 -2.65 28.77 -24.91
C CYS F 93 -2.01 29.18 -23.59
N PHE F 94 -2.81 29.32 -22.53
CA PHE F 94 -2.30 29.66 -21.21
C PHE F 94 -2.90 28.71 -20.18
N ILE F 95 -2.07 27.83 -19.65
CA ILE F 95 -2.49 26.89 -18.62
C ILE F 95 -2.09 27.45 -17.26
N CYS F 96 -2.77 26.96 -16.22
CA CYS F 96 -2.38 27.26 -14.84
C CYS F 96 -2.92 26.18 -13.94
N CYS F 97 -2.06 25.61 -13.11
CA CYS F 97 -2.47 24.59 -12.14
C CYS F 97 -2.34 25.15 -10.73
N ILE F 98 -3.00 24.47 -9.79
CA ILE F 98 -2.89 24.78 -8.36
C ILE F 98 -2.97 23.47 -7.61
N LEU F 99 -2.17 23.35 -6.53
CA LEU F 99 -2.23 22.20 -5.64
C LEU F 99 -2.16 22.74 -4.22
N SER F 100 -3.29 22.76 -3.53
CA SER F 100 -3.35 23.41 -2.23
C SER F 100 -4.51 22.82 -1.44
N HIS F 101 -5.03 23.59 -0.48
CA HIS F 101 -6.16 23.19 0.36
C HIS F 101 -7.40 23.93 -0.12
N GLY F 102 -8.50 23.22 -0.31
CA GLY F 102 -9.70 23.86 -0.81
C GLY F 102 -10.94 23.65 -0.01
N ASP F 103 -11.86 24.60 -0.17
CA ASP F 103 -13.16 24.61 0.48
C ASP F 103 -14.14 24.61 -0.67
N LYS F 104 -15.28 25.24 -0.45
CA LYS F 104 -16.28 25.36 -1.45
C LYS F 104 -15.81 26.46 -2.32
N GLY F 105 -15.32 26.15 -3.50
CA GLY F 105 -14.84 27.17 -4.41
C GLY F 105 -13.80 28.09 -3.84
N ILE F 106 -12.85 27.55 -3.09
CA ILE F 106 -11.82 28.34 -2.46
C ILE F 106 -10.45 27.70 -2.52
N ILE F 107 -9.41 28.53 -2.45
CA ILE F 107 -8.03 28.06 -2.39
C ILE F 107 -7.35 28.72 -1.20
N TYR F 108 -6.57 27.94 -0.46
CA TYR F 108 -5.90 28.41 0.76
C TYR F 108 -4.44 28.73 0.47
N GLY F 109 -4.01 29.92 0.85
CA GLY F 109 -2.59 30.24 0.83
C GLY F 109 -1.88 29.68 2.04
N THR F 110 -0.59 29.40 1.88
CA THR F 110 0.22 28.82 2.96
C THR F 110 0.16 29.65 4.24
N ASP F 111 -0.26 30.91 4.14
CA ASP F 111 -0.53 31.73 5.31
C ASP F 111 -1.88 31.42 5.95
N GLY F 112 -2.82 30.84 5.19
CA GLY F 112 -4.11 30.45 5.71
C GLY F 112 -5.31 31.19 5.14
N GLN F 113 -5.13 32.24 4.35
CA GLN F 113 -6.29 33.00 3.90
C GLN F 113 -6.84 32.39 2.61
N GLU F 114 -8.03 32.86 2.21
CA GLU F 114 -8.79 32.32 1.10
C GLU F 114 -8.68 33.21 -0.14
N ALA F 115 -9.05 32.64 -1.28
CA ALA F 115 -9.15 33.33 -2.55
C ALA F 115 -10.10 32.47 -3.36
N PRO F 116 -11.20 33.03 -3.87
CA PRO F 116 -12.14 32.23 -4.66
C PRO F 116 -11.50 31.77 -5.95
N ILE F 117 -11.91 30.58 -6.42
CA ILE F 117 -11.48 30.11 -7.72
C ILE F 117 -11.86 31.11 -8.80
N TYR F 118 -12.99 31.79 -8.60
CA TYR F 118 -13.45 32.76 -9.59
C TYR F 118 -12.53 33.97 -9.65
N GLU F 119 -12.14 34.50 -8.50
CA GLU F 119 -11.30 35.70 -8.46
C GLU F 119 -9.94 35.46 -9.09
N LEU F 120 -9.54 34.20 -9.26
CA LEU F 120 -8.29 33.85 -9.90
C LEU F 120 -8.44 33.74 -11.42
N THR F 121 -9.48 33.03 -11.84
CA THR F 121 -9.71 32.75 -13.25
C THR F 121 -10.31 33.95 -13.98
N SER F 122 -11.02 34.82 -13.25
CA SER F 122 -11.56 36.04 -13.86
C SER F 122 -10.47 37.03 -14.24
N GLN F 123 -9.27 36.84 -13.72
CA GLN F 123 -8.18 37.72 -14.02
C GLN F 123 -7.83 37.63 -15.46
N PHE F 124 -7.83 36.44 -16.02
CA PHE F 124 -7.51 36.27 -17.42
C PHE F 124 -8.72 36.24 -18.31
N THR F 125 -9.25 37.45 -18.47
CA THR F 125 -10.40 37.84 -19.28
C THR F 125 -9.87 38.52 -20.56
N GLY F 126 -10.73 38.61 -21.57
CA GLY F 126 -10.32 39.12 -22.83
C GLY F 126 -10.02 40.57 -22.57
N LEU F 127 -10.88 41.19 -21.78
CA LEU F 127 -10.74 42.57 -21.38
C LEU F 127 -9.57 42.73 -20.45
N LYS F 128 -9.40 41.77 -19.56
CA LYS F 128 -8.30 41.80 -18.63
C LYS F 128 -6.97 41.31 -19.18
N CYS F 129 -6.99 40.57 -20.28
CA CYS F 129 -5.79 40.05 -20.88
C CYS F 129 -5.91 39.77 -22.36
N PRO F 130 -5.97 40.83 -23.16
CA PRO F 130 -6.17 40.73 -24.61
C PRO F 130 -5.15 39.87 -25.29
N SER F 131 -3.96 39.81 -24.75
CA SER F 131 -2.94 38.94 -25.32
C SER F 131 -3.45 37.52 -25.49
N LEU F 132 -4.41 37.11 -24.66
CA LEU F 132 -4.96 35.77 -24.70
C LEU F 132 -6.40 35.71 -25.19
N ALA F 133 -7.09 36.85 -25.27
CA ALA F 133 -8.45 36.91 -25.80
C ALA F 133 -8.56 36.11 -27.09
N GLY F 134 -9.23 34.96 -27.03
CA GLY F 134 -9.32 34.06 -28.16
C GLY F 134 -8.42 32.85 -28.07
N LYS F 135 -7.87 32.56 -26.90
CA LYS F 135 -6.97 31.43 -26.71
C LYS F 135 -7.44 30.58 -25.54
N PRO F 136 -7.15 29.28 -25.57
CA PRO F 136 -7.56 28.40 -24.46
C PRO F 136 -6.85 28.71 -23.15
N LYS F 137 -7.59 29.17 -22.16
CA LYS F 137 -7.06 29.47 -20.84
C LYS F 137 -7.53 28.38 -19.89
N VAL F 138 -6.60 27.52 -19.48
CA VAL F 138 -6.92 26.25 -18.82
C VAL F 138 -6.53 26.34 -17.35
N PHE F 139 -7.23 25.59 -16.51
CA PHE F 139 -6.92 25.52 -15.08
C PHE F 139 -7.22 24.12 -14.54
N PHE F 140 -6.30 23.61 -13.72
CA PHE F 140 -6.53 22.41 -12.93
C PHE F 140 -6.28 22.72 -11.45
N ILE F 141 -7.02 22.04 -10.58
CA ILE F 141 -6.83 22.16 -9.14
C ILE F 141 -7.08 20.80 -8.50
N GLN F 142 -6.22 20.44 -7.55
CA GLN F 142 -6.42 19.28 -6.68
C GLN F 142 -6.35 19.83 -5.25
N ALA F 143 -7.52 20.17 -4.71
CA ALA F 143 -7.61 20.92 -3.47
C ALA F 143 -8.36 20.10 -2.42
N CYS F 144 -7.83 20.06 -1.21
CA CYS F 144 -8.29 19.14 -0.18
C CYS F 144 -9.08 19.87 0.91
N GLN F 145 -9.97 19.13 1.56
CA GLN F 145 -10.77 19.66 2.66
C GLN F 145 -10.80 18.68 3.84
N GLN F 173 -25.05 29.32 -3.80
CA GLN F 173 -24.99 29.10 -5.24
C GLN F 173 -24.34 30.27 -5.96
N THR F 174 -23.04 30.15 -6.25
CA THR F 174 -22.33 31.18 -6.99
C THR F 174 -21.56 30.57 -8.17
N ARG F 175 -20.78 31.37 -8.88
CA ARG F 175 -20.12 30.97 -10.11
C ARG F 175 -18.67 30.57 -9.86
N TYR F 176 -18.04 30.03 -10.89
CA TYR F 176 -16.68 29.49 -10.79
C TYR F 176 -15.73 30.06 -11.83
N ILE F 177 -16.17 30.22 -13.07
CA ILE F 177 -15.36 30.87 -14.11
C ILE F 177 -16.19 31.96 -14.76
N PRO F 178 -15.59 33.00 -15.31
CA PRO F 178 -16.36 34.00 -16.06
C PRO F 178 -17.06 33.35 -17.24
N ASP F 179 -18.12 34.02 -17.72
CA ASP F 179 -18.88 33.52 -18.86
C ASP F 179 -18.26 33.91 -20.19
N GLU F 180 -16.93 34.10 -20.23
CA GLU F 180 -16.22 34.26 -21.48
C GLU F 180 -15.90 32.89 -22.07
N ALA F 181 -15.75 32.86 -23.39
CA ALA F 181 -15.44 31.62 -24.10
C ALA F 181 -13.98 31.23 -23.86
N ASP F 182 -13.54 30.18 -24.54
CA ASP F 182 -12.12 29.78 -24.57
C ASP F 182 -11.58 29.46 -23.17
N PHE F 183 -12.44 29.00 -22.27
CA PHE F 183 -12.07 28.68 -20.91
C PHE F 183 -12.20 27.19 -20.65
N LEU F 184 -11.58 26.74 -19.56
CA LEU F 184 -11.71 25.37 -19.06
C LEU F 184 -11.28 25.36 -17.61
N LEU F 185 -11.87 24.45 -16.84
CA LEU F 185 -11.50 24.31 -15.42
C LEU F 185 -11.67 22.85 -15.04
N GLY F 186 -10.54 22.14 -14.96
CA GLY F 186 -10.53 20.80 -14.43
C GLY F 186 -10.42 20.77 -12.92
N MET F 187 -11.49 21.19 -12.24
CA MET F 187 -11.51 21.25 -10.79
C MET F 187 -11.65 19.86 -10.18
N ALA F 188 -11.03 19.66 -9.02
CA ALA F 188 -11.15 18.40 -8.29
C ALA F 188 -10.99 18.68 -6.79
N THR F 189 -11.35 17.67 -5.99
CA THR F 189 -11.42 17.80 -4.54
C THR F 189 -10.98 16.48 -3.90
N VAL F 190 -11.10 16.42 -2.57
CA VAL F 190 -11.22 15.19 -1.79
C VAL F 190 -11.47 15.58 -0.34
N ASN F 191 -12.34 14.83 0.35
CA ASN F 191 -12.92 15.25 1.63
C ASN F 191 -13.65 16.57 1.46
N TRP F 204 -6.07 8.91 -6.89
CA TRP F 204 -5.30 10.11 -7.21
C TRP F 204 -5.71 10.66 -8.58
N TYR F 205 -5.93 11.97 -8.65
CA TYR F 205 -6.54 12.60 -9.82
C TYR F 205 -5.52 13.21 -10.77
N ILE F 206 -4.74 14.19 -10.31
CA ILE F 206 -3.78 14.86 -11.19
C ILE F 206 -2.78 13.86 -11.75
N GLN F 207 -2.52 12.77 -11.02
CA GLN F 207 -1.66 11.71 -11.54
C GLN F 207 -2.29 11.06 -12.77
N SER F 208 -3.58 10.71 -12.67
CA SER F 208 -4.24 10.09 -13.81
C SER F 208 -4.44 11.06 -14.96
N LEU F 209 -4.62 12.36 -14.66
CA LEU F 209 -4.74 13.36 -15.71
C LEU F 209 -3.49 13.41 -16.56
N CYS F 210 -2.33 13.48 -15.91
CA CYS F 210 -1.06 13.49 -16.64
C CYS F 210 -0.85 12.20 -17.41
N GLN F 211 -1.18 11.06 -16.80
CA GLN F 211 -0.99 9.76 -17.46
C GLN F 211 -1.73 9.70 -18.78
N SER F 212 -3.04 9.95 -18.75
CA SER F 212 -3.83 9.96 -19.98
C SER F 212 -3.42 11.09 -20.91
N LEU F 213 -2.81 12.15 -20.38
CA LEU F 213 -2.43 13.29 -21.21
C LEU F 213 -1.27 12.93 -22.15
N ARG F 214 -0.19 12.37 -21.60
CA ARG F 214 0.93 11.95 -22.43
C ARG F 214 0.54 10.87 -23.42
N GLU F 215 -0.55 10.13 -23.14
CA GLU F 215 -0.93 9.00 -23.98
C GLU F 215 -1.87 9.41 -25.10
N ARG F 216 -2.85 10.28 -24.83
CA ARG F 216 -3.86 10.60 -25.82
C ARG F 216 -3.49 11.80 -26.68
N SER F 217 -2.67 12.72 -26.18
CA SER F 217 -2.31 13.90 -26.96
C SER F 217 -1.54 13.56 -28.24
N PRO F 218 -0.57 12.65 -28.23
CA PRO F 218 0.01 12.22 -29.53
C PRO F 218 -0.99 11.55 -30.43
N ARG F 219 -1.91 10.76 -29.86
CA ARG F 219 -3.03 10.24 -30.64
C ARG F 219 -3.88 11.37 -31.24
N GLY F 220 -3.74 12.59 -30.72
CA GLY F 220 -4.50 13.71 -31.23
C GLY F 220 -5.88 13.82 -30.64
N ASP F 221 -6.09 13.32 -29.43
CA ASP F 221 -7.41 13.29 -28.84
C ASP F 221 -7.74 14.61 -28.16
N ASP F 222 -9.04 14.90 -28.08
CA ASP F 222 -9.54 16.15 -27.55
C ASP F 222 -9.18 16.31 -26.08
N ILE F 223 -9.39 17.53 -25.57
CA ILE F 223 -9.25 17.76 -24.14
C ILE F 223 -10.47 17.22 -23.41
N LEU F 224 -11.66 17.41 -23.96
CA LEU F 224 -12.87 16.86 -23.34
C LEU F 224 -12.86 15.34 -23.40
N THR F 225 -12.24 14.77 -24.43
CA THR F 225 -12.05 13.32 -24.46
C THR F 225 -11.17 12.86 -23.31
N ILE F 226 -10.02 13.52 -23.13
CA ILE F 226 -9.07 13.13 -22.08
C ILE F 226 -9.71 13.29 -20.71
N LEU F 227 -10.47 14.37 -20.52
CA LEU F 227 -10.98 14.67 -19.18
C LEU F 227 -12.03 13.66 -18.72
N THR F 228 -12.79 13.08 -19.65
CA THR F 228 -13.71 12.01 -19.27
C THR F 228 -12.96 10.74 -18.90
N GLU F 229 -11.94 10.38 -19.68
CA GLU F 229 -11.15 9.20 -19.37
C GLU F 229 -10.54 9.29 -17.98
N VAL F 230 -10.23 10.50 -17.51
CA VAL F 230 -9.85 10.68 -16.11
C VAL F 230 -11.00 10.28 -15.20
N ASN F 231 -12.18 10.89 -15.43
CA ASN F 231 -13.36 10.62 -14.61
C ASN F 231 -13.61 9.12 -14.43
N TYR F 232 -13.26 8.31 -15.43
CA TYR F 232 -13.45 6.88 -15.30
C TYR F 232 -12.44 6.28 -14.32
N GLU F 233 -11.17 6.36 -14.68
CA GLU F 233 -10.14 5.76 -13.86
C GLU F 233 -10.12 6.28 -12.43
N VAL F 234 -10.84 7.36 -12.21
CA VAL F 234 -11.00 7.94 -10.89
C VAL F 234 -12.36 7.54 -10.29
N SER F 235 -13.00 6.54 -10.89
CA SER F 235 -14.24 5.99 -10.38
C SER F 235 -14.12 4.52 -10.00
N ASN F 236 -12.90 3.98 -10.05
CA ASN F 236 -12.66 2.57 -9.73
C ASN F 236 -12.87 2.20 -8.28
N GLN F 246 -14.15 13.43 -4.27
CA GLN F 246 -14.92 12.28 -4.72
C GLN F 246 -15.27 12.42 -6.20
N MET F 247 -15.10 13.63 -6.76
CA MET F 247 -15.38 13.80 -8.18
C MET F 247 -14.81 15.07 -8.78
N PRO F 248 -14.12 14.95 -9.92
CA PRO F 248 -13.85 16.13 -10.73
C PRO F 248 -15.07 16.52 -11.53
N GLN F 249 -15.20 17.82 -11.82
CA GLN F 249 -16.36 18.36 -12.52
C GLN F 249 -15.87 19.33 -13.60
N PRO F 250 -15.33 18.79 -14.70
CA PRO F 250 -14.81 19.67 -15.76
C PRO F 250 -15.87 20.54 -16.41
N THR F 251 -16.00 21.78 -15.93
CA THR F 251 -16.80 22.79 -16.59
C THR F 251 -15.90 23.58 -17.54
N PHE F 252 -16.45 23.95 -18.70
CA PHE F 252 -15.64 24.59 -19.72
C PHE F 252 -16.48 25.63 -20.46
N THR F 253 -15.83 26.32 -21.40
CA THR F 253 -16.50 27.31 -22.23
C THR F 253 -15.81 27.43 -23.59
N LEU F 254 -15.16 26.36 -24.04
CA LEU F 254 -14.41 26.40 -25.29
C LEU F 254 -15.35 26.50 -26.49
N ARG F 255 -14.87 27.16 -27.54
CA ARG F 255 -15.59 27.25 -28.80
C ARG F 255 -15.12 26.26 -29.84
N LYS F 256 -13.88 25.77 -29.73
CA LYS F 256 -13.34 24.78 -30.64
C LYS F 256 -12.82 23.59 -29.86
N LYS F 257 -12.56 22.51 -30.58
CA LYS F 257 -11.82 21.39 -30.02
C LYS F 257 -10.44 21.87 -29.59
N LEU F 258 -9.91 21.26 -28.52
CA LEU F 258 -8.64 21.66 -27.94
C LEU F 258 -7.74 20.45 -27.76
N VAL F 259 -6.66 20.40 -28.53
CA VAL F 259 -5.66 19.34 -28.43
C VAL F 259 -4.29 19.98 -28.26
N PHE F 260 -3.44 19.33 -27.47
CA PHE F 260 -2.05 19.75 -27.36
C PHE F 260 -1.18 18.84 -28.23
N PRO F 261 -0.88 19.24 -29.46
CA PRO F 261 -0.09 18.36 -30.34
C PRO F 261 1.31 18.17 -29.81
N SER F 262 1.87 17.00 -30.11
CA SER F 262 3.24 16.68 -29.74
C SER F 262 4.15 16.95 -30.93
N ASP F 263 5.27 17.60 -30.66
CA ASP F 263 6.30 17.90 -31.67
C ASP F 263 5.78 18.83 -32.76
CA 63R G . 12.24 -19.91 24.40
CB 63R G . 10.74 -19.56 24.52
CG 63R G . 15.41 -23.22 23.40
CD 63R G . 13.86 -19.88 22.28
CE 63R G . 14.15 -21.43 22.41
CH 63R G . 14.69 -24.13 22.64
C0 63R G . 12.61 -17.77 23.22
C1 63R G . 9.30 -14.67 21.16
C2 63R G . 9.70 -16.07 21.61
C3 63R G . 11.51 -15.12 23.25
C4 63R G . 12.49 -14.44 22.53
C5 63R G . 13.21 -13.38 23.13
C6 63R G . 12.93 -13.01 24.45
C7 63R G . 11.96 -13.70 25.17
C8 63R G . 11.25 -14.75 24.58
C9 63R G . 11.10 -17.69 23.00
CC 63R G . 10.41 -18.13 24.22
CF 63R G . 15.14 -21.86 23.29
CI 63R G . 13.70 -23.69 21.76
CJ 63R G . 13.43 -22.32 21.64
CK 63R G . 15.50 -26.12 24.02
CL 63R G . 14.48 -26.90 24.83
CM 63R G . 13.34 -27.47 22.92
CN 63R G . 14.21 -26.57 22.03
N1 63R G . 12.95 -19.23 23.27
N2 63R G . 14.98 -25.57 22.76
NX 63R G . 10.74 -16.27 22.61
O1 63R G . 14.35 -19.23 21.42
O2 63R G . 13.24 -27.02 24.21
OX 63R G . 9.15 -17.01 21.15
#